data_8PMJ
#
_entry.id   8PMJ
#
_cell.length_a   1.00
_cell.length_b   1.00
_cell.length_c   1.00
_cell.angle_alpha   90.00
_cell.angle_beta   90.00
_cell.angle_gamma   90.00
#
_symmetry.space_group_name_H-M   'P 1'
#
loop_
_entity.id
_entity.type
_entity.pdbx_description
1 polymer 'Bile salt export pump'
2 non-polymer "ADENOSINE-5'-TRIPHOSPHATE"
3 non-polymer CHOLESTEROL
4 non-polymer "ADENOSINE-5'-DIPHOSPHATE"
5 non-polymer 'VANADATE ION'
6 non-polymer 'MAGNESIUM ION'
7 water water
#
_entity_poly.entity_id   1
_entity_poly.type   'polypeptide(L)'
_entity_poly.pdbx_seq_one_letter_code
;MSDSVILRSIKKFGEENDGFESDKSYNNDKKSRLQDEKKGDGVRVGFFQLFRFSSSTDIWLMFVGSLCAFLHGIAQPGVL
LIFGTMTDVFIDYDVELQELQIPGKACVNNTIVWTNSSLNQNMTNGTRCGLLNIESEMIKFASYYAGIAVAVLITGYIQI
CFWVIAAARQIQKMRKFYFRRIMRMEIGWFDCNSVGELNTRFSDDINKINDAIADQMALFIQRMTSTICGFLLGFFRGWK
LTLVIISVSPLIGIGAATIGLSVSKFTDYELKAYAKAGVVADEVISSMRTVAAFGGEKREVERYEKNLVFAQRWGIRKGI
VMGFFTGFVWCLIFLCYALAFWYGSTLVLDEGEYTPGTLVQIFLSVIVGALNLGNASPCLEAFATGRAAATSIFETIDRK
PIIDCMSEDGYKLDRIKGEIEFHNVTFHYPSRPEVKILNDLNMVIKPGEMTALVGPSGAGKSTALQLIQRFYDPCEGMVT
VDGHDIRSLNIQWLRDQIGIVEQEPVLFSTTIAENIRYGREDATMEDIVQAAKEANAYNFIMDLPQQFDTLVGEGGGQMS
GGQKQRVAIARALIRNPKILLLDMATSALDNESEAMVQEVLSKIQHGHTIISVAHRLSTVRAADTIIGFEHGTAVERGTH
EELLERKGVYFTLVTLQSQGNQALNEEDIKDATEDDMLARTFSRGSYQDSLRASIRQRSKSQLSYLVHEPPLAVVDHKST
YEEDRKDKDIPVQEEVEPAPVRRILKFSAPEWPYMLVGSVGAAVNGTVTPLYAFLFSQILGTFSIPDKEEQRSQINGVCL
LFVAMGCVSLFTQFLQGYAFAKSGELLTKRLRKFGFRAMLGQDIAWFDDLRNSPGALTTRLATDASQVQGAAGSQIGMIV
NSFTNVTVAMIIAFSFSWKLSLVILCFFPFLALSGATQTRMLTGFASRDKQALEMVGQITNEALSNIRTVAGIGKERRFI
EALETELEKPFKTAIQKANIYGFCFAFAQCIMFIANSASYRYGGYLISNEGLHFSYVFRVISAVVLSATALGRAFSYTPS
YAKAKISAARFFQLLDRQPPISVYNTAGEKWDNFQGKIDFVDCKFTYPSRPDSQVLNGLSVSISPGQTLAFVGSSGCGKS
TSIQLLERFYDPDQGKVMIDGHDSKKVNVQFLRSNIGIVSQEPVLFACSIMDNIKYGDNTKEIPMERVIAAAKQAQLHDF
VMSLPEKYETNVGSQGSQLSRGEKQRIAIARAIVRDPKILLLDEATSALDTESEKTVQVALDKAREGRTCIVIAHRLSTI
QNADIIAVMAQGVVIEKGTHEELMAQKGAYYKLVTTGSPIS
;
_entity_poly.pdbx_strand_id   A
#
loop_
_chem_comp.id
_chem_comp.type
_chem_comp.name
_chem_comp.formula
ADP non-polymer ADENOSINE-5'-DIPHOSPHATE 'C10 H15 N5 O10 P2'
ATP non-polymer ADENOSINE-5'-TRIPHOSPHATE 'C10 H16 N5 O13 P3'
CLR non-polymer CHOLESTEROL 'C27 H46 O'
MG non-polymer 'MAGNESIUM ION' 'Mg 2'
VO4 non-polymer 'VANADATE ION' 'O4 V -3'
#
# COMPACT_ATOMS: atom_id res chain seq x y z
N ARG A 44 -1.00 -5.64 22.19
CA ARG A 44 -0.60 -4.26 21.96
C ARG A 44 0.78 -3.99 22.54
N VAL A 45 1.45 -2.97 22.00
CA VAL A 45 2.74 -2.57 22.53
C VAL A 45 2.55 -1.55 23.64
N GLY A 46 3.59 -1.37 24.46
CA GLY A 46 3.57 -0.30 25.43
C GLY A 46 3.60 1.05 24.74
N PHE A 47 2.81 2.00 25.26
CA PHE A 47 2.66 3.28 24.59
C PHE A 47 3.99 4.04 24.56
N PHE A 48 4.72 4.03 25.66
CA PHE A 48 6.03 4.66 25.72
C PHE A 48 7.08 3.91 24.92
N GLN A 49 6.75 2.72 24.42
CA GLN A 49 7.64 1.99 23.54
C GLN A 49 7.51 2.41 22.08
N LEU A 50 6.61 3.36 21.78
CA LEU A 50 6.56 3.94 20.44
C LEU A 50 7.77 4.81 20.15
N PHE A 51 8.56 5.16 21.17
CA PHE A 51 9.69 6.06 21.03
C PHE A 51 11.03 5.34 21.14
N ARG A 52 11.11 4.12 20.60
CA ARG A 52 12.37 3.39 20.62
C ARG A 52 13.45 4.09 19.80
N PHE A 53 13.06 4.80 18.74
CA PHE A 53 13.99 5.38 17.79
C PHE A 53 14.32 6.83 18.08
N SER A 54 13.80 7.38 19.18
CA SER A 54 14.02 8.77 19.52
C SER A 54 15.44 8.98 20.00
N SER A 55 16.11 9.98 19.45
CA SER A 55 17.46 10.34 19.86
C SER A 55 17.39 11.46 20.89
N SER A 56 18.54 12.03 21.24
CA SER A 56 18.56 13.14 22.19
C SER A 56 17.84 14.36 21.63
N THR A 57 18.03 14.64 20.33
CA THR A 57 17.36 15.77 19.70
C THR A 57 15.85 15.62 19.75
N ASP A 58 15.35 14.42 19.50
CA ASP A 58 13.91 14.18 19.59
C ASP A 58 13.40 14.40 21.00
N ILE A 59 14.19 13.96 21.99
CA ILE A 59 13.78 14.16 23.39
C ILE A 59 13.72 15.65 23.73
N TRP A 60 14.72 16.41 23.29
CA TRP A 60 14.71 17.85 23.54
C TRP A 60 13.53 18.52 22.86
N LEU A 61 13.26 18.15 21.61
CA LEU A 61 12.13 18.73 20.90
C LEU A 61 10.82 18.40 21.60
N MET A 62 10.66 17.14 22.05
CA MET A 62 9.44 16.76 22.74
C MET A 62 9.29 17.52 24.06
N PHE A 63 10.40 17.70 24.79
CA PHE A 63 10.34 18.42 26.06
C PHE A 63 9.92 19.87 25.85
N VAL A 64 10.54 20.56 24.89
CA VAL A 64 10.20 21.95 24.65
C VAL A 64 8.77 22.08 24.15
N GLY A 65 8.36 21.20 23.23
CA GLY A 65 6.99 21.24 22.73
C GLY A 65 5.97 20.95 23.80
N SER A 66 6.29 20.05 24.72
CA SER A 66 5.38 19.74 25.82
C SER A 66 5.26 20.91 26.79
N LEU A 67 6.38 21.58 27.07
CA LEU A 67 6.31 22.78 27.91
C LEU A 67 5.44 23.86 27.26
N CYS A 68 5.63 24.08 25.96
CA CYS A 68 4.82 25.08 25.26
C CYS A 68 3.34 24.68 25.21
N ALA A 69 3.07 23.38 25.04
CA ALA A 69 1.69 22.90 25.08
C ALA A 69 1.07 23.11 26.46
N PHE A 70 1.85 22.89 27.52
CA PHE A 70 1.35 23.12 28.87
C PHE A 70 1.01 24.59 29.10
N LEU A 71 1.88 25.49 28.62
CA LEU A 71 1.57 26.92 28.74
C LEU A 71 0.34 27.30 27.95
N HIS A 72 0.23 26.80 26.71
CA HIS A 72 -0.96 27.06 25.90
C HIS A 72 -2.21 26.50 26.58
N GLY A 73 -2.06 25.40 27.34
CA GLY A 73 -3.19 24.85 28.06
C GLY A 73 -3.61 25.73 29.23
N ILE A 74 -2.66 26.21 30.01
CA ILE A 74 -3.00 27.11 31.12
C ILE A 74 -3.46 28.47 30.63
N ALA A 75 -3.30 28.76 29.34
CA ALA A 75 -3.79 30.03 28.81
C ALA A 75 -5.30 30.23 28.98
N GLN A 76 -6.10 29.16 28.97
CA GLN A 76 -7.56 29.31 29.07
C GLN A 76 -8.03 29.60 30.50
N PRO A 77 -7.50 28.92 31.53
CA PRO A 77 -7.84 29.35 32.89
C PRO A 77 -7.44 30.79 33.16
N GLY A 78 -6.43 31.31 32.46
CA GLY A 78 -6.12 32.72 32.58
C GLY A 78 -7.26 33.61 32.13
N VAL A 79 -7.87 33.29 30.99
CA VAL A 79 -9.00 34.07 30.53
C VAL A 79 -10.19 33.86 31.46
N LEU A 80 -10.30 32.69 32.08
CA LEU A 80 -11.34 32.47 33.07
C LEU A 80 -11.14 33.40 34.28
N LEU A 81 -9.89 33.53 34.74
CA LEU A 81 -9.59 34.42 35.85
C LEU A 81 -9.90 35.87 35.48
N ILE A 82 -9.52 36.27 34.26
CA ILE A 82 -9.78 37.64 33.81
C ILE A 82 -11.29 37.91 33.75
N PHE A 83 -12.05 36.94 33.25
CA PHE A 83 -13.51 37.11 33.21
C PHE A 83 -14.09 37.21 34.61
N GLY A 84 -13.57 36.42 35.54
CA GLY A 84 -14.03 36.51 36.92
C GLY A 84 -13.72 37.84 37.56
N THR A 85 -12.54 38.39 37.28
CA THR A 85 -12.17 39.69 37.84
C THR A 85 -13.06 40.81 37.31
N MET A 86 -13.39 40.80 36.02
CA MET A 86 -14.21 41.86 35.44
C MET A 86 -15.60 41.86 36.08
N THR A 87 -16.18 40.72 36.41
CA THR A 87 -17.53 40.68 36.94
C THR A 87 -17.64 41.41 38.27
N ASP A 88 -16.66 41.23 39.16
CA ASP A 88 -16.68 41.90 40.45
C ASP A 88 -16.56 43.41 40.29
N VAL A 89 -15.71 43.85 39.35
CA VAL A 89 -15.56 45.28 39.09
C VAL A 89 -16.88 45.87 38.62
N PHE A 90 -17.56 45.16 37.71
CA PHE A 90 -18.87 45.60 37.24
C PHE A 90 -19.88 45.65 38.38
N ILE A 91 -19.85 44.66 39.26
CA ILE A 91 -20.80 44.64 40.37
C ILE A 91 -20.59 45.84 41.29
N ASP A 92 -19.33 46.14 41.61
CA ASP A 92 -19.03 47.29 42.45
C ASP A 92 -19.47 48.58 41.78
N TYR A 93 -19.17 48.73 40.49
CA TYR A 93 -19.54 49.96 39.78
C TYR A 93 -21.06 50.12 39.72
N ASP A 94 -21.77 49.03 39.45
CA ASP A 94 -23.23 49.07 39.35
C ASP A 94 -23.83 49.42 40.71
N VAL A 95 -23.29 48.83 41.79
CA VAL A 95 -23.85 49.11 43.10
C VAL A 95 -23.59 50.56 43.50
N GLU A 96 -22.43 51.10 43.14
CA GLU A 96 -22.16 52.50 43.45
C GLU A 96 -23.06 53.43 42.64
N LEU A 97 -23.34 53.07 41.38
CA LEU A 97 -24.25 53.88 40.57
C LEU A 97 -25.66 53.85 41.15
N GLN A 98 -26.15 52.67 41.53
CA GLN A 98 -27.51 52.57 42.03
C GLN A 98 -27.66 53.04 43.47
N GLU A 99 -26.56 53.21 44.19
CA GLU A 99 -26.61 53.88 45.49
C GLU A 99 -26.44 55.39 45.37
N LEU A 100 -25.83 55.86 44.28
CA LEU A 100 -25.66 57.29 44.01
C LEU A 100 -26.95 58.08 44.20
N ARG A 128 -16.73 55.46 49.24
CA ARG A 128 -15.83 55.10 48.15
C ARG A 128 -16.50 55.32 46.80
N CYS A 129 -16.57 56.59 46.38
CA CYS A 129 -17.19 56.97 45.12
C CYS A 129 -16.15 57.65 44.24
N GLY A 130 -16.10 57.25 42.97
CA GLY A 130 -15.19 57.85 42.01
C GLY A 130 -13.80 57.26 41.98
N LEU A 131 -13.50 56.26 42.82
CA LEU A 131 -12.17 55.67 42.83
C LEU A 131 -11.94 54.78 41.61
N LEU A 132 -13.00 54.19 41.08
CA LEU A 132 -12.91 53.19 40.02
C LEU A 132 -13.54 53.74 38.75
N ASN A 133 -12.84 53.59 37.63
CA ASN A 133 -13.37 53.96 36.32
C ASN A 133 -13.29 52.77 35.36
N ILE A 134 -14.44 52.46 34.77
CA ILE A 134 -14.58 51.24 33.96
C ILE A 134 -13.71 51.31 32.72
N GLU A 135 -13.57 52.50 32.14
CA GLU A 135 -12.77 52.64 30.92
C GLU A 135 -11.32 52.25 31.17
N SER A 136 -10.72 52.77 32.24
CA SER A 136 -9.35 52.40 32.56
C SER A 136 -9.25 50.93 32.95
N GLU A 137 -10.22 50.43 33.72
CA GLU A 137 -10.16 49.03 34.13
C GLU A 137 -10.17 48.09 32.93
N MET A 138 -11.02 48.36 31.94
CA MET A 138 -11.08 47.45 30.81
C MET A 138 -10.04 47.77 29.74
N ILE A 139 -9.42 48.96 29.79
CA ILE A 139 -8.17 49.14 29.05
C ILE A 139 -7.12 48.18 29.58
N LYS A 140 -7.01 48.08 30.91
CA LYS A 140 -6.07 47.13 31.51
C LYS A 140 -6.44 45.69 31.15
N PHE A 141 -7.72 45.35 31.16
CA PHE A 141 -8.14 44.00 30.78
C PHE A 141 -7.80 43.70 29.32
N ALA A 142 -8.01 44.67 28.43
CA ALA A 142 -7.65 44.47 27.03
C ALA A 142 -6.15 44.28 26.86
N SER A 143 -5.35 45.01 27.64
CA SER A 143 -3.90 44.79 27.61
C SER A 143 -3.56 43.36 28.05
N TYR A 144 -4.23 42.86 29.09
CA TYR A 144 -4.02 41.48 29.51
C TYR A 144 -4.34 40.52 28.38
N TYR A 145 -5.47 40.74 27.69
CA TYR A 145 -5.85 39.84 26.60
C TYR A 145 -4.84 39.89 25.45
N ALA A 146 -4.31 41.08 25.15
CA ALA A 146 -3.31 41.19 24.09
C ALA A 146 -2.03 40.44 24.45
N GLY A 147 -1.58 40.56 25.70
CA GLY A 147 -0.43 39.79 26.13
C GLY A 147 -0.67 38.29 26.05
N ILE A 148 -1.87 37.86 26.45
CA ILE A 148 -2.25 36.46 26.32
C ILE A 148 -2.19 36.03 24.87
N ALA A 149 -2.65 36.89 23.96
CA ALA A 149 -2.63 36.55 22.54
C ALA A 149 -1.20 36.34 22.03
N VAL A 150 -0.29 37.23 22.40
CA VAL A 150 1.10 37.08 21.96
C VAL A 150 1.70 35.78 22.50
N ALA A 151 1.50 35.53 23.81
CA ALA A 151 2.04 34.31 24.41
C ALA A 151 1.45 33.06 23.75
N VAL A 152 0.15 33.08 23.46
CA VAL A 152 -0.51 31.93 22.85
C VAL A 152 0.04 31.70 21.45
N LEU A 153 0.26 32.77 20.68
CA LEU A 153 0.85 32.61 19.36
C LEU A 153 2.20 31.90 19.45
N ILE A 154 3.10 32.41 20.30
CA ILE A 154 4.43 31.80 20.40
C ILE A 154 4.34 30.35 20.83
N THR A 155 3.58 30.09 21.91
CA THR A 155 3.54 28.76 22.50
C THR A 155 2.88 27.75 21.54
N GLY A 156 1.81 28.16 20.87
CA GLY A 156 1.16 27.26 19.94
C GLY A 156 2.03 26.92 18.75
N TYR A 157 2.72 27.92 18.20
CA TYR A 157 3.62 27.65 17.08
C TYR A 157 4.68 26.64 17.48
N ILE A 158 5.37 26.89 18.60
CA ILE A 158 6.43 25.98 19.01
C ILE A 158 5.86 24.60 19.34
N GLN A 159 4.73 24.55 20.03
CA GLN A 159 4.10 23.30 20.41
C GLN A 159 3.84 22.41 19.20
N ILE A 160 3.18 22.96 18.18
CA ILE A 160 2.87 22.13 17.01
C ILE A 160 4.13 21.80 16.22
N CYS A 161 4.99 22.79 15.98
CA CYS A 161 6.12 22.58 15.09
C CYS A 161 7.10 21.56 15.66
N PHE A 162 7.46 21.69 16.94
CA PHE A 162 8.47 20.80 17.52
C PHE A 162 7.96 19.36 17.57
N TRP A 163 6.70 19.17 17.94
CA TRP A 163 6.15 17.83 18.03
C TRP A 163 6.02 17.19 16.64
N VAL A 164 5.63 17.98 15.64
CA VAL A 164 5.54 17.40 14.29
C VAL A 164 6.92 17.06 13.75
N ILE A 165 7.92 17.89 14.02
CA ILE A 165 9.27 17.61 13.53
C ILE A 165 9.85 16.38 14.23
N ALA A 166 9.61 16.25 15.54
CA ALA A 166 10.20 15.14 16.28
C ALA A 166 9.70 13.80 15.78
N ALA A 167 8.41 13.70 15.47
CA ALA A 167 7.84 12.42 15.03
C ALA A 167 8.37 12.00 13.66
N ALA A 168 8.62 12.97 12.79
CA ALA A 168 9.04 12.65 11.43
C ALA A 168 10.38 11.91 11.41
N ARG A 169 11.33 12.35 12.23
CA ARG A 169 12.62 11.69 12.30
C ARG A 169 12.49 10.27 12.84
N GLN A 170 11.68 10.09 13.87
CA GLN A 170 11.47 8.76 14.43
C GLN A 170 10.81 7.83 13.42
N ILE A 171 9.84 8.34 12.68
CA ILE A 171 9.14 7.51 11.70
C ILE A 171 10.06 7.15 10.54
N GLN A 172 10.92 8.09 10.13
CA GLN A 172 11.89 7.78 9.08
C GLN A 172 12.87 6.71 9.53
N LYS A 173 13.37 6.81 10.76
CA LYS A 173 14.24 5.77 11.30
C LYS A 173 13.52 4.44 11.39
N MET A 174 12.24 4.46 11.78
CA MET A 174 11.46 3.24 11.89
C MET A 174 11.31 2.56 10.53
N ARG A 175 10.99 3.34 9.49
CA ARG A 175 10.86 2.78 8.16
C ARG A 175 12.18 2.20 7.66
N LYS A 176 13.28 2.92 7.87
CA LYS A 176 14.58 2.43 7.42
C LYS A 176 14.95 1.13 8.15
N PHE A 177 14.73 1.08 9.47
CA PHE A 177 15.00 -0.13 10.22
C PHE A 177 14.12 -1.28 9.77
N TYR A 178 12.84 -1.02 9.51
CA TYR A 178 11.93 -2.06 9.07
C TYR A 178 12.39 -2.68 7.76
N PHE A 179 12.69 -1.83 6.77
CA PHE A 179 13.10 -2.36 5.48
C PHE A 179 14.47 -3.03 5.56
N ARG A 180 15.35 -2.51 6.42
CA ARG A 180 16.68 -3.12 6.55
C ARG A 180 16.62 -4.48 7.23
N ARG A 181 15.69 -4.65 8.17
CA ARG A 181 15.52 -5.95 8.83
C ARG A 181 14.81 -6.95 7.94
N ILE A 182 13.81 -6.51 7.18
CA ILE A 182 13.08 -7.44 6.31
C ILE A 182 14.01 -8.04 5.27
N MET A 183 14.89 -7.23 4.69
CA MET A 183 15.79 -7.69 3.65
C MET A 183 16.91 -8.58 4.20
N ARG A 184 16.88 -8.89 5.49
CA ARG A 184 17.87 -9.77 6.12
C ARG A 184 17.35 -11.17 6.41
N MET A 185 16.04 -11.40 6.27
CA MET A 185 15.46 -12.68 6.65
C MET A 185 15.88 -13.78 5.68
N GLU A 186 15.86 -15.01 6.17
CA GLU A 186 16.17 -16.16 5.33
C GLU A 186 15.06 -16.38 4.31
N ILE A 187 15.40 -17.13 3.25
CA ILE A 187 14.48 -17.33 2.14
C ILE A 187 13.22 -18.04 2.60
N GLY A 188 13.37 -18.99 3.53
CA GLY A 188 12.21 -19.69 4.06
C GLY A 188 11.22 -18.79 4.76
N TRP A 189 11.67 -17.66 5.28
CA TRP A 189 10.76 -16.70 5.91
C TRP A 189 9.79 -16.12 4.89
N PHE A 190 10.27 -15.84 3.68
CA PHE A 190 9.41 -15.26 2.65
C PHE A 190 8.41 -16.27 2.09
N ASP A 191 8.67 -17.57 2.24
CA ASP A 191 7.70 -18.57 1.81
C ASP A 191 6.42 -18.55 2.64
N CYS A 192 6.46 -17.94 3.83
CA CYS A 192 5.29 -17.84 4.71
C CYS A 192 4.78 -16.43 4.87
N ASN A 193 5.47 -15.43 4.31
CA ASN A 193 5.10 -14.02 4.48
C ASN A 193 4.98 -13.38 3.11
N SER A 194 3.77 -12.96 2.76
CA SER A 194 3.49 -12.42 1.45
C SER A 194 4.09 -11.02 1.30
N VAL A 195 4.40 -10.66 0.05
CA VAL A 195 4.94 -9.34 -0.25
C VAL A 195 3.87 -8.27 -0.06
N GLY A 196 2.63 -8.57 -0.47
CA GLY A 196 1.56 -7.59 -0.34
C GLY A 196 1.30 -7.19 1.10
N GLU A 197 1.35 -8.16 2.02
CA GLU A 197 1.18 -7.87 3.43
C GLU A 197 2.29 -6.94 3.93
N LEU A 198 3.53 -7.22 3.54
CA LEU A 198 4.65 -6.36 3.94
C LEU A 198 4.49 -4.96 3.36
N ASN A 199 4.04 -4.86 2.10
CA ASN A 199 3.81 -3.55 1.50
C ASN A 199 2.74 -2.78 2.25
N THR A 200 1.64 -3.44 2.61
CA THR A 200 0.59 -2.76 3.35
C THR A 200 1.07 -2.31 4.73
N ARG A 201 1.84 -3.16 5.41
CA ARG A 201 2.47 -2.75 6.66
C ARG A 201 3.27 -1.47 6.46
N PHE A 202 4.26 -1.53 5.56
CA PHE A 202 5.18 -0.43 5.33
C PHE A 202 4.44 0.85 4.95
N SER A 203 3.32 0.73 4.25
CA SER A 203 2.62 1.92 3.79
C SER A 203 1.73 2.51 4.88
N ASP A 204 0.90 1.69 5.52
CA ASP A 204 -0.17 2.20 6.38
C ASP A 204 0.09 2.11 7.87
N ASP A 205 0.74 1.05 8.36
CA ASP A 205 0.87 0.90 9.80
C ASP A 205 1.84 1.92 10.38
N ILE A 206 2.95 2.16 9.68
CA ILE A 206 3.87 3.19 10.11
C ILE A 206 3.22 4.57 10.01
N ASN A 207 2.31 4.76 9.05
CA ASN A 207 1.56 6.01 8.98
C ASN A 207 0.63 6.18 10.18
N LYS A 208 -0.01 5.10 10.62
CA LYS A 208 -0.84 5.19 11.82
C LYS A 208 0.02 5.46 13.06
N ILE A 209 1.21 4.87 13.13
CA ILE A 209 2.12 5.17 14.23
C ILE A 209 2.50 6.64 14.21
N ASN A 210 2.79 7.18 13.02
CA ASN A 210 3.04 8.61 12.87
C ASN A 210 1.84 9.44 13.36
N ASP A 211 0.63 9.03 13.01
CA ASP A 211 -0.56 9.71 13.50
C ASP A 211 -0.61 9.71 15.02
N ALA A 212 -0.11 8.64 15.64
CA ALA A 212 -0.19 8.53 17.09
C ALA A 212 0.70 9.56 17.81
N ILE A 213 1.86 9.88 17.23
CA ILE A 213 2.92 10.56 17.96
C ILE A 213 3.33 11.88 17.32
N ALA A 214 2.56 12.42 16.37
CA ALA A 214 3.00 13.62 15.65
C ALA A 214 2.50 14.91 16.29
N ASP A 215 1.19 15.12 16.29
CA ASP A 215 0.60 16.31 16.88
C ASP A 215 -0.61 16.04 17.75
N GLN A 216 -1.24 14.87 17.63
CA GLN A 216 -2.27 14.49 18.58
C GLN A 216 -1.72 14.41 19.99
N MET A 217 -0.44 14.08 20.15
CA MET A 217 0.17 14.08 21.47
C MET A 217 0.24 15.49 22.05
N ALA A 218 0.66 16.47 21.24
CA ALA A 218 0.71 17.85 21.72
C ALA A 218 -0.68 18.37 22.03
N LEU A 219 -1.66 18.07 21.17
CA LEU A 219 -3.02 18.53 21.42
C LEU A 219 -3.59 17.88 22.68
N PHE A 220 -3.30 16.60 22.89
CA PHE A 220 -3.75 15.92 24.10
C PHE A 220 -3.10 16.49 25.35
N ILE A 221 -1.81 16.83 25.27
CA ILE A 221 -1.14 17.45 26.41
C ILE A 221 -1.79 18.79 26.74
N GLN A 222 -2.06 19.60 25.71
CA GLN A 222 -2.68 20.90 25.93
C GLN A 222 -4.08 20.74 26.53
N ARG A 223 -4.87 19.81 26.00
CA ARG A 223 -6.23 19.62 26.50
C ARG A 223 -6.24 19.09 27.93
N MET A 224 -5.32 18.16 28.24
CA MET A 224 -5.22 17.66 29.61
C MET A 224 -4.79 18.75 30.57
N THR A 225 -3.85 19.60 30.15
CA THR A 225 -3.45 20.73 30.98
C THR A 225 -4.61 21.66 31.24
N SER A 226 -5.39 21.98 30.20
CA SER A 226 -6.53 22.86 30.38
C SER A 226 -7.59 22.24 31.28
N THR A 227 -7.85 20.94 31.12
CA THR A 227 -8.83 20.27 31.96
C THR A 227 -8.39 20.25 33.42
N ILE A 228 -7.11 19.95 33.67
CA ILE A 228 -6.61 19.91 35.03
C ILE A 228 -6.65 21.28 35.67
N CYS A 229 -6.14 22.30 34.97
CA CYS A 229 -6.12 23.64 35.52
C CYS A 229 -7.53 24.22 35.66
N GLY A 230 -8.48 23.74 34.86
CA GLY A 230 -9.85 24.20 35.02
C GLY A 230 -10.46 23.74 36.33
N PHE A 231 -10.25 22.47 36.69
CA PHE A 231 -10.76 21.95 37.95
C PHE A 231 -9.88 22.33 39.13
N LEU A 232 -8.57 22.42 38.92
CA LEU A 232 -7.67 22.87 39.99
C LEU A 232 -7.92 24.31 40.38
N LEU A 233 -8.42 25.13 39.44
CA LEU A 233 -8.84 26.48 39.80
C LEU A 233 -10.00 26.45 40.78
N GLY A 234 -10.94 25.52 40.57
CA GLY A 234 -12.06 25.39 41.49
C GLY A 234 -11.66 24.85 42.85
N PHE A 235 -10.46 24.27 42.95
CA PHE A 235 -9.95 23.82 44.24
C PHE A 235 -9.30 24.97 45.00
N PHE A 236 -8.38 25.69 44.34
CA PHE A 236 -7.69 26.78 45.00
C PHE A 236 -8.63 27.93 45.31
N ARG A 237 -9.67 28.13 44.49
CA ARG A 237 -10.68 29.15 44.74
C ARG A 237 -12.05 28.54 44.50
N GLY A 238 -13.01 28.92 45.34
CA GLY A 238 -14.32 28.28 45.29
C GLY A 238 -14.29 26.81 45.65
N TRP A 239 -13.63 26.46 46.75
CA TRP A 239 -13.43 25.09 47.16
C TRP A 239 -14.75 24.46 47.59
N LYS A 240 -14.69 23.19 47.99
CA LYS A 240 -15.76 22.34 48.49
C LYS A 240 -16.65 21.81 47.37
N LEU A 241 -16.41 22.17 46.11
CA LEU A 241 -17.13 21.61 44.99
C LEU A 241 -16.30 20.61 44.18
N THR A 242 -14.97 20.70 44.26
CA THR A 242 -14.11 19.77 43.53
C THR A 242 -13.93 18.44 44.23
N LEU A 243 -14.47 18.27 45.44
CA LEU A 243 -14.38 16.99 46.12
C LEU A 243 -15.12 15.91 45.34
N VAL A 244 -16.29 16.25 44.79
CA VAL A 244 -17.08 15.26 44.05
C VAL A 244 -16.36 14.87 42.75
N ILE A 245 -15.67 15.82 42.13
CA ILE A 245 -14.92 15.51 40.91
C ILE A 245 -13.80 14.53 41.22
N ILE A 246 -13.09 14.74 42.32
CA ILE A 246 -12.05 13.79 42.73
C ILE A 246 -12.65 12.42 43.00
N SER A 247 -13.88 12.39 43.52
CA SER A 247 -14.52 11.13 43.85
C SER A 247 -14.89 10.32 42.60
N VAL A 248 -14.90 10.96 41.43
CA VAL A 248 -15.36 10.29 40.22
C VAL A 248 -14.26 10.23 39.17
N SER A 249 -13.14 10.91 39.41
CA SER A 249 -12.01 10.88 38.48
C SER A 249 -11.49 9.49 38.17
N PRO A 250 -11.35 8.57 39.15
CA PRO A 250 -10.99 7.18 38.77
C PRO A 250 -11.99 6.53 37.82
N LEU A 251 -13.27 6.89 37.93
CA LEU A 251 -14.27 6.32 37.03
C LEU A 251 -14.03 6.77 35.60
N ILE A 252 -13.64 8.02 35.39
CA ILE A 252 -13.24 8.47 34.06
C ILE A 252 -11.97 7.75 33.62
N GLY A 253 -10.99 7.66 34.52
CA GLY A 253 -9.73 7.03 34.17
C GLY A 253 -9.87 5.55 33.84
N ILE A 254 -10.68 4.83 34.62
CA ILE A 254 -10.91 3.42 34.36
C ILE A 254 -11.61 3.23 33.02
N GLY A 255 -12.61 4.06 32.72
CA GLY A 255 -13.32 3.94 31.47
C GLY A 255 -12.42 4.17 30.26
N ALA A 256 -11.56 5.18 30.32
CA ALA A 256 -10.69 5.49 29.20
C ALA A 256 -9.64 4.41 28.98
N ALA A 257 -9.34 3.61 30.01
CA ALA A 257 -8.40 2.51 29.84
C ALA A 257 -9.05 1.32 29.17
N THR A 258 -10.27 0.96 29.59
CA THR A 258 -10.97 -0.16 28.99
C THR A 258 -11.35 0.13 27.54
N ILE A 259 -11.77 1.38 27.27
CA ILE A 259 -12.07 1.77 25.90
C ILE A 259 -10.82 1.74 25.04
N GLY A 260 -9.69 2.22 25.60
CA GLY A 260 -8.43 2.13 24.88
C GLY A 260 -8.03 0.69 24.60
N LEU A 261 -8.35 -0.22 25.52
CA LEU A 261 -8.11 -1.64 25.27
C LEU A 261 -8.98 -2.15 24.15
N SER A 262 -10.26 -1.75 24.13
CA SER A 262 -11.18 -2.24 23.10
C SER A 262 -10.76 -1.76 21.71
N VAL A 263 -10.28 -0.53 21.60
CA VAL A 263 -9.96 0.05 20.30
C VAL A 263 -8.75 -0.65 19.68
N SER A 264 -7.76 -1.01 20.50
CA SER A 264 -6.58 -1.70 19.98
C SER A 264 -6.94 -3.08 19.42
N LYS A 265 -7.81 -3.80 20.13
CA LYS A 265 -8.22 -5.12 19.67
C LYS A 265 -8.97 -5.02 18.33
N PHE A 266 -9.83 -4.02 18.19
CA PHE A 266 -10.50 -3.79 16.92
C PHE A 266 -9.50 -3.43 15.83
N THR A 267 -8.50 -2.62 16.18
CA THR A 267 -7.49 -2.21 15.21
C THR A 267 -6.69 -3.40 14.70
N ASP A 268 -6.45 -4.40 15.55
CA ASP A 268 -5.72 -5.59 15.09
C ASP A 268 -6.49 -6.29 13.97
N TYR A 269 -7.79 -6.52 14.16
CA TYR A 269 -8.60 -7.14 13.13
C TYR A 269 -8.67 -6.28 11.88
N GLU A 270 -8.81 -4.97 12.05
CA GLU A 270 -8.86 -4.06 10.90
C GLU A 270 -7.59 -4.16 10.08
N LEU A 271 -6.43 -4.12 10.75
CA LEU A 271 -5.16 -4.17 10.04
C LEU A 271 -4.95 -5.52 9.36
N LYS A 272 -5.36 -6.61 10.02
CA LYS A 272 -5.24 -7.92 9.39
C LYS A 272 -6.09 -8.02 8.14
N ALA A 273 -7.32 -7.52 8.19
CA ALA A 273 -8.19 -7.56 7.02
C ALA A 273 -7.63 -6.69 5.89
N TYR A 274 -7.10 -5.51 6.24
CA TYR A 274 -6.50 -4.65 5.22
C TYR A 274 -5.27 -5.29 4.60
N ALA A 275 -4.47 -5.99 5.40
CA ALA A 275 -3.30 -6.69 4.86
C ALA A 275 -3.72 -7.83 3.95
N LYS A 276 -4.79 -8.55 4.30
CA LYS A 276 -5.30 -9.58 3.41
C LYS A 276 -5.87 -9.00 2.12
N ALA A 277 -6.44 -7.80 2.17
CA ALA A 277 -6.91 -7.15 0.96
C ALA A 277 -5.78 -6.73 0.04
N GLY A 278 -4.60 -6.42 0.58
CA GLY A 278 -3.48 -5.99 -0.24
C GLY A 278 -2.77 -7.11 -0.97
N VAL A 279 -2.92 -8.35 -0.50
CA VAL A 279 -2.35 -9.48 -1.22
C VAL A 279 -3.10 -9.72 -2.53
N VAL A 280 -4.43 -9.68 -2.48
CA VAL A 280 -5.24 -9.90 -3.68
C VAL A 280 -4.93 -8.86 -4.74
N ALA A 281 -4.90 -7.59 -4.34
CA ALA A 281 -4.63 -6.51 -5.29
C ALA A 281 -3.25 -6.67 -5.91
N ASP A 282 -2.24 -7.00 -5.09
CA ASP A 282 -0.89 -7.16 -5.62
C ASP A 282 -0.81 -8.31 -6.61
N GLU A 283 -1.41 -9.45 -6.29
CA GLU A 283 -1.34 -10.59 -7.21
C GLU A 283 -2.09 -10.30 -8.51
N VAL A 284 -3.25 -9.64 -8.43
CA VAL A 284 -4.01 -9.34 -9.64
C VAL A 284 -3.27 -8.34 -10.51
N ILE A 285 -2.70 -7.30 -9.91
CA ILE A 285 -1.98 -6.32 -10.70
C ILE A 285 -0.73 -6.93 -11.31
N SER A 286 -0.07 -7.85 -10.60
CA SER A 286 1.10 -8.51 -11.18
C SER A 286 0.72 -9.45 -12.32
N SER A 287 -0.43 -10.12 -12.25
CA SER A 287 -0.82 -11.09 -13.26
C SER A 287 -2.03 -10.65 -14.08
N MET A 288 -2.15 -9.34 -14.32
CA MET A 288 -3.24 -8.81 -15.15
C MET A 288 -3.37 -9.54 -16.50
N ARG A 289 -2.25 -9.90 -17.13
CA ARG A 289 -2.34 -10.59 -18.41
C ARG A 289 -3.08 -11.92 -18.29
N THR A 290 -2.78 -12.69 -17.24
CA THR A 290 -3.52 -13.92 -16.99
C THR A 290 -4.97 -13.62 -16.60
N VAL A 291 -5.18 -12.57 -15.80
CA VAL A 291 -6.53 -12.20 -15.39
C VAL A 291 -7.36 -11.80 -16.60
N ALA A 292 -6.79 -11.00 -17.51
CA ALA A 292 -7.53 -10.55 -18.68
C ALA A 292 -7.81 -11.69 -19.63
N ALA A 293 -6.87 -12.62 -19.80
CA ALA A 293 -7.06 -13.73 -20.73
C ALA A 293 -8.23 -14.61 -20.32
N PHE A 294 -8.37 -14.89 -19.04
CA PHE A 294 -9.41 -15.77 -18.54
C PHE A 294 -10.62 -15.04 -18.00
N GLY A 295 -10.65 -13.71 -18.10
CA GLY A 295 -11.83 -12.94 -17.75
C GLY A 295 -12.24 -13.04 -16.30
N GLY A 296 -11.30 -12.89 -15.37
CA GLY A 296 -11.60 -13.04 -13.96
C GLY A 296 -11.71 -11.74 -13.20
N GLU A 297 -11.89 -10.62 -13.90
CA GLU A 297 -11.93 -9.32 -13.24
C GLU A 297 -13.06 -9.24 -12.22
N LYS A 298 -14.23 -9.76 -12.58
CA LYS A 298 -15.37 -9.75 -11.67
C LYS A 298 -15.06 -10.49 -10.38
N ARG A 299 -14.47 -11.68 -10.49
CA ARG A 299 -14.20 -12.48 -9.31
C ARG A 299 -13.09 -11.87 -8.46
N GLU A 300 -12.08 -11.25 -9.10
CA GLU A 300 -11.05 -10.58 -8.34
C GLU A 300 -11.62 -9.39 -7.57
N VAL A 301 -12.52 -8.62 -8.20
CA VAL A 301 -13.18 -7.54 -7.49
C VAL A 301 -14.03 -8.09 -6.35
N GLU A 302 -14.66 -9.24 -6.55
CA GLU A 302 -15.44 -9.85 -5.49
C GLU A 302 -14.56 -10.24 -4.30
N ARG A 303 -13.39 -10.82 -4.57
CA ARG A 303 -12.46 -11.16 -3.49
C ARG A 303 -12.00 -9.91 -2.75
N TYR A 304 -11.68 -8.86 -3.50
CA TYR A 304 -11.25 -7.60 -2.89
C TYR A 304 -12.34 -7.05 -1.97
N GLU A 305 -13.60 -7.05 -2.45
CA GLU A 305 -14.70 -6.58 -1.61
C GLU A 305 -14.87 -7.45 -0.37
N LYS A 306 -14.72 -8.77 -0.52
CA LYS A 306 -14.85 -9.64 0.64
C LYS A 306 -13.82 -9.30 1.70
N ASN A 307 -12.58 -9.04 1.28
CA ASN A 307 -11.56 -8.63 2.25
C ASN A 307 -11.85 -7.26 2.85
N LEU A 308 -12.37 -6.33 2.04
CA LEU A 308 -12.62 -4.97 2.51
C LEU A 308 -13.79 -4.89 3.49
N VAL A 309 -14.82 -5.72 3.29
CA VAL A 309 -15.99 -5.67 4.15
C VAL A 309 -15.64 -6.03 5.58
N PHE A 310 -14.75 -7.01 5.78
CA PHE A 310 -14.33 -7.37 7.12
C PHE A 310 -13.62 -6.21 7.80
N ALA A 311 -12.76 -5.50 7.06
CA ALA A 311 -12.05 -4.36 7.63
C ALA A 311 -12.99 -3.22 7.95
N GLN A 312 -13.99 -2.98 7.10
CA GLN A 312 -14.93 -1.89 7.33
C GLN A 312 -15.81 -2.14 8.55
N ARG A 313 -16.15 -3.40 8.82
CA ARG A 313 -17.05 -3.72 9.93
C ARG A 313 -16.43 -3.38 11.28
N TRP A 314 -15.11 -3.56 11.42
CA TRP A 314 -14.45 -3.28 12.69
C TRP A 314 -14.21 -1.80 12.91
N GLY A 315 -14.00 -1.03 11.84
CA GLY A 315 -13.92 0.42 11.98
C GLY A 315 -15.20 1.03 12.50
N ILE A 316 -16.35 0.47 12.12
CA ILE A 316 -17.63 0.95 12.63
C ILE A 316 -17.74 0.73 14.13
N ARG A 317 -17.32 -0.46 14.59
CA ARG A 317 -17.36 -0.73 16.03
C ARG A 317 -16.37 0.14 16.79
N LYS A 318 -15.20 0.40 16.19
CA LYS A 318 -14.26 1.32 16.80
C LYS A 318 -14.86 2.72 16.92
N GLY A 319 -15.54 3.18 15.88
CA GLY A 319 -16.21 4.47 15.96
C GLY A 319 -17.31 4.48 16.99
N ILE A 320 -18.02 3.36 17.16
CA ILE A 320 -19.06 3.27 18.18
C ILE A 320 -18.47 3.42 19.58
N VAL A 321 -17.43 2.63 19.87
CA VAL A 321 -16.87 2.64 21.21
C VAL A 321 -16.18 3.98 21.50
N MET A 322 -15.67 4.64 20.48
CA MET A 322 -15.07 5.95 20.70
C MET A 322 -16.09 7.08 20.73
N GLY A 323 -17.28 6.87 20.15
CA GLY A 323 -18.33 7.87 20.28
C GLY A 323 -19.08 7.75 21.58
N PHE A 324 -19.05 6.58 22.21
CA PHE A 324 -19.63 6.46 23.54
C PHE A 324 -18.76 7.12 24.59
N PHE A 325 -17.43 7.09 24.41
CA PHE A 325 -16.55 7.73 25.37
C PHE A 325 -16.78 9.22 25.47
N THR A 326 -16.95 9.89 24.32
CA THR A 326 -17.19 11.32 24.32
C THR A 326 -18.50 11.68 25.01
N GLY A 327 -19.56 10.93 24.72
CA GLY A 327 -20.83 11.18 25.38
C GLY A 327 -20.81 10.87 26.87
N PHE A 328 -20.03 9.87 27.28
CA PHE A 328 -19.95 9.50 28.69
C PHE A 328 -19.31 10.61 29.52
N VAL A 329 -18.30 11.29 28.94
CA VAL A 329 -17.57 12.30 29.69
C VAL A 329 -18.45 13.49 30.03
N TRP A 330 -19.17 14.01 29.03
CA TRP A 330 -20.02 15.18 29.24
C TRP A 330 -21.08 14.90 30.30
N CYS A 331 -21.76 13.76 30.16
CA CYS A 331 -22.80 13.38 31.11
C CYS A 331 -22.23 13.25 32.51
N LEU A 332 -21.07 12.60 32.64
CA LEU A 332 -20.51 12.38 33.97
C LEU A 332 -20.10 13.69 34.63
N ILE A 333 -19.40 14.56 33.90
CA ILE A 333 -19.01 15.85 34.48
C ILE A 333 -20.23 16.64 34.93
N PHE A 334 -21.24 16.74 34.05
CA PHE A 334 -22.37 17.61 34.37
C PHE A 334 -23.23 17.01 35.48
N LEU A 335 -23.41 15.69 35.48
CA LEU A 335 -24.16 15.05 36.56
C LEU A 335 -23.42 15.15 37.89
N CYS A 336 -22.10 15.04 37.88
CA CYS A 336 -21.34 15.18 39.12
C CYS A 336 -21.44 16.60 39.67
N TYR A 337 -21.40 17.61 38.81
CA TYR A 337 -21.57 18.96 39.33
C TYR A 337 -23.00 19.19 39.80
N ALA A 338 -23.99 18.59 39.14
CA ALA A 338 -25.36 18.70 39.62
C ALA A 338 -25.50 18.06 41.00
N LEU A 339 -24.81 16.94 41.22
CA LEU A 339 -24.81 16.33 42.55
C LEU A 339 -24.14 17.24 43.57
N ALA A 340 -23.00 17.84 43.19
CA ALA A 340 -22.27 18.70 44.10
C ALA A 340 -23.09 19.93 44.50
N PHE A 341 -23.78 20.54 43.54
CA PHE A 341 -24.53 21.76 43.81
C PHE A 341 -25.74 21.51 44.71
N TRP A 342 -26.47 20.43 44.45
CA TRP A 342 -27.69 20.16 45.20
C TRP A 342 -27.39 19.89 46.67
N TYR A 343 -26.33 19.13 46.94
CA TYR A 343 -25.96 18.84 48.32
C TYR A 343 -25.53 20.10 49.06
N GLY A 344 -24.82 21.00 48.37
CA GLY A 344 -24.37 22.21 49.01
C GLY A 344 -25.53 23.12 49.38
N SER A 345 -25.26 24.05 50.29
CA SER A 345 -26.26 24.99 50.79
C SER A 345 -27.46 24.26 51.40
N THR A 355 -19.21 35.72 46.45
CA THR A 355 -19.00 36.77 45.45
C THR A 355 -19.44 36.30 44.08
N PRO A 356 -20.04 37.19 43.29
CA PRO A 356 -20.48 36.83 41.95
C PRO A 356 -19.33 36.47 41.01
N GLY A 357 -18.11 36.92 41.31
CA GLY A 357 -16.97 36.61 40.48
C GLY A 357 -16.39 35.22 40.66
N THR A 358 -16.92 34.45 41.62
CA THR A 358 -16.52 33.06 41.83
C THR A 358 -17.51 32.07 41.24
N LEU A 359 -18.81 32.38 41.31
CA LEU A 359 -19.81 31.52 40.69
C LEU A 359 -19.62 31.44 39.18
N VAL A 360 -19.29 32.58 38.55
CA VAL A 360 -19.04 32.59 37.12
C VAL A 360 -17.84 31.74 36.78
N GLN A 361 -16.76 31.85 37.57
CA GLN A 361 -15.58 31.04 37.33
C GLN A 361 -15.88 29.55 37.47
N ILE A 362 -16.68 29.18 38.46
CA ILE A 362 -17.04 27.77 38.64
C ILE A 362 -17.86 27.27 37.45
N PHE A 363 -18.89 28.05 37.06
CA PHE A 363 -19.73 27.66 35.94
C PHE A 363 -18.93 27.51 34.66
N LEU A 364 -17.98 28.41 34.41
CA LEU A 364 -17.17 28.33 33.21
C LEU A 364 -16.12 27.24 33.27
N SER A 365 -15.57 26.95 34.45
CA SER A 365 -14.65 25.84 34.59
C SER A 365 -15.33 24.51 34.30
N VAL A 366 -16.61 24.39 34.64
CA VAL A 366 -17.35 23.17 34.30
C VAL A 366 -17.29 22.91 32.81
N ILE A 367 -17.64 23.93 32.01
CA ILE A 367 -17.70 23.74 30.57
C ILE A 367 -16.30 23.61 29.99
N VAL A 368 -15.30 24.30 30.57
CA VAL A 368 -13.94 24.14 30.10
C VAL A 368 -13.48 22.70 30.25
N GLY A 369 -13.68 22.12 31.43
CA GLY A 369 -13.29 20.74 31.64
C GLY A 369 -14.05 19.77 30.73
N ALA A 370 -15.38 19.93 30.64
CA ALA A 370 -16.17 19.02 29.82
C ALA A 370 -15.78 19.11 28.35
N LEU A 371 -15.64 20.33 27.83
CA LEU A 371 -15.33 20.51 26.42
C LEU A 371 -13.92 20.03 26.09
N ASN A 372 -12.96 20.24 27.00
CA ASN A 372 -11.59 19.85 26.68
C ASN A 372 -11.35 18.36 26.91
N LEU A 373 -12.16 17.72 27.75
CA LEU A 373 -12.11 16.26 27.81
C LEU A 373 -12.81 15.64 26.61
N GLY A 374 -13.90 16.25 26.14
CA GLY A 374 -14.59 15.73 24.97
C GLY A 374 -13.73 15.77 23.73
N ASN A 375 -12.98 16.86 23.54
CA ASN A 375 -12.10 17.00 22.38
C ASN A 375 -10.86 16.13 22.46
N ALA A 376 -10.60 15.50 23.60
CA ALA A 376 -9.46 14.60 23.73
C ALA A 376 -9.73 13.22 23.15
N SER A 377 -10.97 12.95 22.74
CA SER A 377 -11.31 11.64 22.18
C SER A 377 -10.50 11.27 20.93
N PRO A 378 -10.27 12.16 19.96
CA PRO A 378 -9.45 11.75 18.80
C PRO A 378 -8.04 11.31 19.16
N CYS A 379 -7.49 11.81 20.27
CA CYS A 379 -6.12 11.46 20.63
C CYS A 379 -6.02 10.03 21.16
N LEU A 380 -6.99 9.62 21.98
CA LEU A 380 -6.95 8.27 22.55
C LEU A 380 -7.09 7.20 21.47
N GLU A 381 -8.00 7.40 20.52
CA GLU A 381 -8.13 6.47 19.40
C GLU A 381 -6.83 6.39 18.61
N ALA A 382 -6.19 7.54 18.38
CA ALA A 382 -4.92 7.54 17.67
C ALA A 382 -3.86 6.76 18.45
N PHE A 383 -3.82 6.92 19.78
CA PHE A 383 -2.84 6.21 20.58
C PHE A 383 -3.05 4.70 20.51
N ALA A 384 -4.30 4.26 20.62
CA ALA A 384 -4.56 2.82 20.58
C ALA A 384 -4.27 2.24 19.20
N THR A 385 -4.69 2.94 18.14
CA THR A 385 -4.38 2.49 16.79
C THR A 385 -2.88 2.41 16.56
N GLY A 386 -2.15 3.41 17.04
CA GLY A 386 -0.69 3.37 16.93
C GLY A 386 -0.08 2.21 17.69
N ARG A 387 -0.64 1.88 18.86
CA ARG A 387 -0.13 0.75 19.63
C ARG A 387 -0.31 -0.56 18.87
N ALA A 388 -1.48 -0.76 18.26
CA ALA A 388 -1.69 -1.98 17.49
C ALA A 388 -0.76 -2.04 16.27
N ALA A 389 -0.72 -0.97 15.47
CA ALA A 389 0.17 -0.96 14.33
C ALA A 389 1.62 -1.14 14.77
N ALA A 390 1.96 -0.66 15.95
CA ALA A 390 3.34 -0.71 16.40
C ALA A 390 3.72 -2.11 16.84
N THR A 391 2.83 -2.85 17.50
CA THR A 391 3.17 -4.23 17.80
C THR A 391 3.34 -5.02 16.51
N SER A 392 2.47 -4.75 15.52
CA SER A 392 2.60 -5.43 14.23
C SER A 392 3.97 -5.16 13.60
N ILE A 393 4.40 -3.89 13.59
CA ILE A 393 5.68 -3.54 12.97
C ILE A 393 6.85 -4.05 13.81
N PHE A 394 6.74 -3.97 15.14
CA PHE A 394 7.88 -4.23 16.00
C PHE A 394 8.19 -5.70 16.10
N GLU A 395 7.19 -6.57 15.90
CA GLU A 395 7.49 -8.01 15.89
C GLU A 395 8.51 -8.35 14.81
N THR A 396 8.45 -7.68 13.66
CA THR A 396 9.36 -8.00 12.57
C THR A 396 10.78 -7.53 12.86
N ILE A 397 10.93 -6.33 13.42
CA ILE A 397 12.26 -5.75 13.61
C ILE A 397 13.07 -6.57 14.61
N ASP A 398 12.42 -7.07 15.66
CA ASP A 398 13.12 -7.78 16.73
C ASP A 398 13.41 -9.23 16.41
N ARG A 399 12.90 -9.76 15.30
CA ARG A 399 13.13 -11.15 14.94
C ARG A 399 14.60 -11.39 14.59
N LYS A 400 15.13 -12.53 15.02
CA LYS A 400 16.47 -12.94 14.68
C LYS A 400 16.43 -13.99 13.57
N PRO A 401 17.00 -13.72 12.40
CA PRO A 401 16.91 -14.69 11.31
C PRO A 401 17.73 -15.95 11.59
N ILE A 402 17.23 -17.09 11.10
CA ILE A 402 17.96 -18.34 11.23
C ILE A 402 19.25 -18.29 10.42
N ILE A 403 19.16 -17.84 9.18
CA ILE A 403 20.30 -17.68 8.28
C ILE A 403 20.54 -16.19 8.09
N ASP A 404 21.67 -15.70 8.58
CA ASP A 404 21.97 -14.27 8.56
C ASP A 404 23.01 -14.01 7.47
N CYS A 405 22.64 -13.21 6.47
CA CYS A 405 23.53 -12.97 5.34
C CYS A 405 24.49 -11.80 5.57
N MET A 406 24.05 -10.72 6.22
CA MET A 406 24.92 -9.59 6.51
C MET A 406 25.84 -9.81 7.70
N SER A 407 25.68 -10.90 8.44
CA SER A 407 26.56 -11.12 9.57
C SER A 407 27.92 -11.61 9.08
N GLU A 408 28.95 -11.38 9.92
CA GLU A 408 30.33 -11.71 9.58
C GLU A 408 30.83 -12.98 10.26
N ASP A 409 29.95 -13.76 10.89
CA ASP A 409 30.40 -14.96 11.61
C ASP A 409 30.55 -16.10 10.60
N GLY A 410 31.67 -16.07 9.89
CA GLY A 410 31.94 -17.12 8.92
C GLY A 410 33.38 -17.08 8.46
N TYR A 411 33.81 -18.21 7.91
CA TYR A 411 35.14 -18.35 7.35
C TYR A 411 35.11 -18.12 5.85
N LYS A 412 36.18 -17.57 5.31
CA LYS A 412 36.33 -17.37 3.87
C LYS A 412 37.63 -18.00 3.42
N LEU A 413 37.59 -18.70 2.29
CA LEU A 413 38.75 -19.42 1.81
C LEU A 413 39.59 -18.54 0.88
N ASP A 414 40.74 -19.09 0.49
CA ASP A 414 41.58 -18.52 -0.56
C ASP A 414 42.01 -19.65 -1.48
N ARG A 415 42.08 -19.33 -2.78
CA ARG A 415 42.39 -20.32 -3.82
C ARG A 415 41.35 -21.46 -3.79
N ILE A 416 40.12 -21.07 -4.08
CA ILE A 416 38.99 -22.00 -4.07
C ILE A 416 39.01 -22.83 -5.36
N LYS A 417 39.02 -24.16 -5.20
CA LYS A 417 38.94 -25.04 -6.36
C LYS A 417 37.53 -25.12 -6.92
N GLY A 418 36.52 -25.12 -6.04
CA GLY A 418 35.14 -25.17 -6.46
C GLY A 418 34.48 -26.53 -6.40
N GLU A 419 35.15 -27.53 -5.83
CA GLU A 419 34.55 -28.86 -5.74
C GLU A 419 33.42 -28.86 -4.73
N ILE A 420 32.27 -29.41 -5.14
CA ILE A 420 31.07 -29.46 -4.31
C ILE A 420 30.70 -30.92 -4.08
N GLU A 421 30.30 -31.23 -2.85
CA GLU A 421 29.94 -32.60 -2.48
C GLU A 421 28.73 -32.59 -1.57
N PHE A 422 27.82 -33.53 -1.80
CA PHE A 422 26.66 -33.75 -0.94
C PHE A 422 26.85 -35.04 -0.15
N HIS A 423 26.57 -34.99 1.14
CA HIS A 423 26.82 -36.10 2.06
C HIS A 423 25.51 -36.49 2.74
N ASN A 424 24.83 -37.50 2.21
CA ASN A 424 23.62 -38.05 2.82
C ASN A 424 22.58 -36.95 3.07
N VAL A 425 22.45 -36.03 2.11
CA VAL A 425 21.64 -34.84 2.31
C VAL A 425 20.17 -35.22 2.28
N THR A 426 19.45 -34.88 3.34
CA THR A 426 18.00 -35.05 3.41
C THR A 426 17.38 -33.68 3.65
N PHE A 427 16.35 -33.36 2.87
CA PHE A 427 15.78 -32.02 2.91
C PHE A 427 14.26 -32.09 2.87
N HIS A 428 13.63 -31.20 3.63
CA HIS A 428 12.19 -31.01 3.61
C HIS A 428 11.91 -29.52 3.43
N TYR A 429 10.83 -29.22 2.73
CA TYR A 429 10.62 -27.78 2.65
C TYR A 429 9.84 -27.30 3.86
N PRO A 430 10.17 -26.12 4.41
CA PRO A 430 9.43 -25.62 5.58
C PRO A 430 7.95 -25.42 5.33
N SER A 431 7.54 -25.16 4.09
CA SER A 431 6.12 -25.04 3.79
C SER A 431 5.42 -26.39 3.71
N ARG A 432 6.13 -27.43 3.25
CA ARG A 432 5.58 -28.78 3.15
C ARG A 432 6.58 -29.75 3.79
N PRO A 433 6.60 -29.82 5.12
CA PRO A 433 7.59 -30.67 5.79
C PRO A 433 7.28 -32.15 5.80
N GLU A 434 6.13 -32.58 5.26
CA GLU A 434 5.79 -33.98 5.22
C GLU A 434 6.25 -34.66 3.94
N VAL A 435 6.91 -33.93 3.05
CA VAL A 435 7.39 -34.47 1.78
C VAL A 435 8.92 -34.38 1.77
N LYS A 436 9.57 -35.50 1.51
CA LYS A 436 11.03 -35.56 1.50
C LYS A 436 11.52 -35.28 0.09
N ILE A 437 12.02 -34.07 -0.13
CA ILE A 437 12.47 -33.68 -1.47
C ILE A 437 13.75 -34.41 -1.83
N LEU A 438 14.73 -34.42 -0.93
CA LEU A 438 16.01 -35.09 -1.16
C LEU A 438 16.16 -36.21 -0.14
N ASN A 439 16.52 -37.40 -0.62
CA ASN A 439 16.58 -38.60 0.20
C ASN A 439 17.98 -39.21 0.10
N ASP A 440 18.83 -38.91 1.08
CA ASP A 440 20.17 -39.51 1.19
C ASP A 440 20.97 -39.32 -0.10
N LEU A 441 20.94 -38.09 -0.60
CA LEU A 441 21.54 -37.76 -1.89
C LEU A 441 23.04 -37.53 -1.74
N ASN A 442 23.81 -38.16 -2.62
CA ASN A 442 25.27 -38.05 -2.61
C ASN A 442 25.74 -37.75 -4.03
N MET A 443 26.45 -36.64 -4.20
CA MET A 443 27.08 -36.32 -5.47
C MET A 443 28.46 -35.74 -5.24
N VAL A 444 29.31 -35.86 -6.26
CA VAL A 444 30.60 -35.20 -6.30
C VAL A 444 30.70 -34.45 -7.62
N ILE A 445 31.01 -33.16 -7.55
CA ILE A 445 31.06 -32.29 -8.72
C ILE A 445 32.50 -31.84 -8.88
N LYS A 446 33.20 -32.53 -9.78
CA LYS A 446 34.65 -32.26 -9.91
C LYS A 446 34.89 -30.85 -10.45
N PRO A 447 35.92 -30.13 -9.95
CA PRO A 447 36.17 -28.76 -10.40
C PRO A 447 36.63 -28.71 -11.85
N GLY A 448 36.33 -27.59 -12.50
CA GLY A 448 36.74 -27.37 -13.87
C GLY A 448 36.11 -28.31 -14.89
N GLU A 449 34.87 -28.72 -14.65
CA GLU A 449 34.19 -29.62 -15.57
C GLU A 449 32.72 -29.25 -15.64
N MET A 450 32.05 -29.78 -16.66
CA MET A 450 30.63 -29.53 -16.89
C MET A 450 29.83 -30.72 -16.38
N THR A 451 28.93 -30.45 -15.42
CA THR A 451 28.07 -31.47 -14.84
C THR A 451 26.63 -31.18 -15.22
N ALA A 452 25.96 -32.15 -15.82
CA ALA A 452 24.58 -32.01 -16.25
C ALA A 452 23.67 -32.75 -15.28
N LEU A 453 22.68 -32.05 -14.75
CA LEU A 453 21.65 -32.64 -13.90
C LEU A 453 20.44 -32.93 -14.78
N VAL A 454 20.06 -34.20 -14.88
CA VAL A 454 18.93 -34.62 -15.69
C VAL A 454 17.96 -35.39 -14.80
N GLY A 455 16.69 -35.28 -15.12
CA GLY A 455 15.66 -35.98 -14.37
C GLY A 455 14.28 -35.43 -14.64
N PRO A 456 13.25 -36.16 -14.21
CA PRO A 456 11.88 -35.70 -14.43
C PRO A 456 11.57 -34.43 -13.66
N SER A 457 10.39 -33.89 -13.93
CA SER A 457 9.95 -32.70 -13.21
C SER A 457 9.52 -33.07 -11.80
N GLY A 458 10.15 -32.43 -10.81
CA GLY A 458 9.90 -32.75 -9.42
C GLY A 458 10.97 -33.61 -8.76
N ALA A 459 12.04 -33.93 -9.48
CA ALA A 459 13.10 -34.78 -8.93
C ALA A 459 13.98 -34.05 -7.93
N GLY A 460 13.90 -32.73 -7.85
CA GLY A 460 14.70 -31.98 -6.92
C GLY A 460 15.97 -31.38 -7.48
N LYS A 461 16.06 -31.19 -8.80
CA LYS A 461 17.26 -30.58 -9.38
C LYS A 461 17.40 -29.12 -8.99
N SER A 462 16.29 -28.38 -8.96
CA SER A 462 16.34 -26.97 -8.57
C SER A 462 16.66 -26.82 -7.09
N THR A 463 16.20 -27.76 -6.27
CA THR A 463 16.47 -27.68 -4.83
C THR A 463 17.95 -27.87 -4.53
N ALA A 464 18.65 -28.67 -5.33
CA ALA A 464 20.07 -28.90 -5.09
C ALA A 464 20.87 -27.60 -5.24
N LEU A 465 20.52 -26.78 -6.22
CA LEU A 465 21.25 -25.53 -6.42
C LEU A 465 20.96 -24.53 -5.31
N GLN A 466 19.72 -24.50 -4.81
CA GLN A 466 19.39 -23.60 -3.71
C GLN A 466 20.15 -23.98 -2.44
N LEU A 467 20.44 -25.27 -2.28
CA LEU A 467 21.22 -25.72 -1.12
C LEU A 467 22.68 -25.30 -1.25
N ILE A 468 23.22 -25.34 -2.47
CA ILE A 468 24.57 -24.82 -2.70
C ILE A 468 24.60 -23.32 -2.43
N GLN A 469 23.53 -22.62 -2.79
CA GLN A 469 23.41 -21.20 -2.48
C GLN A 469 23.15 -20.95 -0.99
N ARG A 470 22.89 -22.00 -0.22
CA ARG A 470 22.57 -21.89 1.21
C ARG A 470 21.32 -21.03 1.45
N PHE A 471 20.36 -21.13 0.52
CA PHE A 471 19.05 -20.54 0.79
C PHE A 471 18.36 -21.26 1.95
N TYR A 472 18.51 -22.58 2.02
CA TYR A 472 18.06 -23.38 3.15
C TYR A 472 19.23 -24.22 3.65
N ASP A 473 18.95 -25.00 4.70
CA ASP A 473 19.93 -25.93 5.24
C ASP A 473 19.36 -27.34 5.24
N PRO A 474 20.18 -28.36 5.01
CA PRO A 474 19.67 -29.73 5.03
C PRO A 474 19.12 -30.10 6.39
N CYS A 475 18.02 -30.87 6.39
CA CYS A 475 17.50 -31.39 7.65
C CYS A 475 18.49 -32.34 8.30
N GLU A 476 19.16 -33.16 7.51
CA GLU A 476 20.30 -33.95 7.96
C GLU A 476 21.20 -34.17 6.76
N GLY A 477 22.50 -34.15 7.00
CA GLY A 477 23.49 -34.17 5.95
C GLY A 477 24.32 -32.90 5.91
N MET A 478 25.31 -32.91 5.01
CA MET A 478 26.30 -31.86 4.95
C MET A 478 26.63 -31.53 3.50
N VAL A 479 26.62 -30.23 3.18
CA VAL A 479 27.02 -29.72 1.86
C VAL A 479 28.38 -29.05 2.02
N THR A 480 29.31 -29.39 1.14
CA THR A 480 30.69 -28.93 1.28
C THR A 480 31.19 -28.28 0.00
N VAL A 481 32.07 -27.30 0.17
CA VAL A 481 32.84 -26.70 -0.92
C VAL A 481 34.31 -26.82 -0.54
N ASP A 482 35.08 -27.54 -1.36
CA ASP A 482 36.50 -27.82 -1.12
C ASP A 482 36.74 -28.51 0.22
N GLY A 483 35.78 -29.29 0.69
CA GLY A 483 35.91 -30.02 1.93
C GLY A 483 35.42 -29.28 3.16
N HIS A 484 35.07 -28.00 3.03
CA HIS A 484 34.57 -27.20 4.14
C HIS A 484 33.05 -27.21 4.14
N ASP A 485 32.46 -27.40 5.32
CA ASP A 485 31.01 -27.39 5.45
C ASP A 485 30.46 -26.03 5.03
N ILE A 486 29.31 -26.07 4.35
CA ILE A 486 28.69 -24.83 3.88
C ILE A 486 28.25 -23.97 5.06
N ARG A 487 27.99 -24.59 6.22
CA ARG A 487 27.49 -23.85 7.37
C ARG A 487 28.59 -23.11 8.12
N SER A 488 29.86 -23.43 7.86
CA SER A 488 30.98 -22.79 8.52
C SER A 488 31.71 -21.80 7.62
N LEU A 489 31.00 -21.23 6.65
CA LEU A 489 31.58 -20.33 5.68
C LEU A 489 30.85 -18.99 5.72
N ASN A 490 31.60 -17.93 5.41
CA ASN A 490 31.01 -16.60 5.32
C ASN A 490 29.98 -16.58 4.20
N ILE A 491 28.75 -16.18 4.52
CA ILE A 491 27.65 -16.27 3.57
C ILE A 491 27.86 -15.32 2.40
N GLN A 492 28.23 -14.07 2.69
CA GLN A 492 28.41 -13.08 1.64
C GLN A 492 29.51 -13.52 0.67
N TRP A 493 30.62 -13.99 1.21
CA TRP A 493 31.71 -14.48 0.36
C TRP A 493 31.27 -15.67 -0.50
N LEU A 494 30.55 -16.61 0.12
CA LEU A 494 30.08 -17.80 -0.61
C LEU A 494 29.18 -17.40 -1.76
N ARG A 495 28.17 -16.56 -1.49
CA ARG A 495 27.27 -16.12 -2.55
C ARG A 495 27.96 -15.22 -3.57
N ASP A 496 29.05 -14.56 -3.18
CA ASP A 496 29.86 -13.84 -4.14
C ASP A 496 30.50 -14.81 -5.13
N GLN A 497 31.01 -15.93 -4.64
CA GLN A 497 31.68 -16.90 -5.51
C GLN A 497 30.75 -17.66 -6.43
N ILE A 498 29.46 -17.33 -6.48
CA ILE A 498 28.47 -18.10 -7.24
C ILE A 498 27.76 -17.17 -8.22
N GLY A 499 27.67 -17.60 -9.47
CA GLY A 499 26.83 -16.94 -10.48
C GLY A 499 25.78 -17.93 -10.98
N ILE A 500 24.52 -17.49 -10.95
CA ILE A 500 23.39 -18.37 -11.21
C ILE A 500 22.47 -17.76 -12.25
N VAL A 501 22.00 -18.59 -13.17
CA VAL A 501 20.95 -18.24 -14.11
C VAL A 501 19.73 -19.06 -13.69
N GLU A 502 18.82 -18.44 -12.95
CA GLU A 502 17.66 -19.14 -12.41
C GLU A 502 16.70 -19.54 -13.53
N GLN A 503 16.03 -20.67 -13.33
CA GLN A 503 14.99 -21.09 -14.25
C GLN A 503 13.90 -20.02 -14.36
N GLU A 504 13.57 -19.65 -15.59
CA GLU A 504 12.63 -18.55 -15.88
C GLU A 504 13.14 -17.26 -15.23
N PRO A 505 14.22 -16.67 -15.76
CA PRO A 505 14.87 -15.54 -15.07
C PRO A 505 13.98 -14.31 -14.94
N VAL A 506 14.37 -13.40 -14.05
CA VAL A 506 13.64 -12.17 -13.79
C VAL A 506 14.63 -11.00 -13.79
N LEU A 507 14.28 -9.93 -14.50
CA LEU A 507 15.08 -8.72 -14.55
C LEU A 507 14.42 -7.62 -13.75
N PHE A 508 15.16 -6.54 -13.52
CA PHE A 508 14.67 -5.39 -12.77
C PHE A 508 14.37 -4.23 -13.70
N SER A 509 13.47 -3.35 -13.26
CA SER A 509 13.04 -2.22 -14.08
C SER A 509 14.14 -1.17 -14.20
N THR A 510 14.94 -1.26 -15.25
CA THR A 510 16.02 -0.34 -15.54
C THR A 510 16.49 -0.62 -16.97
N THR A 511 17.58 0.01 -17.37
CA THR A 511 18.15 -0.25 -18.68
C THR A 511 18.86 -1.61 -18.71
N ILE A 512 19.15 -2.08 -19.91
CA ILE A 512 19.82 -3.37 -20.08
C ILE A 512 21.22 -3.31 -19.48
N ALA A 513 21.92 -2.20 -19.69
CA ALA A 513 23.28 -2.06 -19.18
C ALA A 513 23.30 -2.13 -17.66
N GLU A 514 22.33 -1.49 -17.00
CA GLU A 514 22.27 -1.54 -15.55
C GLU A 514 21.92 -2.93 -15.04
N ASN A 515 21.02 -3.63 -15.75
CA ASN A 515 20.68 -5.00 -15.38
C ASN A 515 21.90 -5.91 -15.46
N ILE A 516 22.71 -5.76 -16.51
CA ILE A 516 23.92 -6.57 -16.62
C ILE A 516 24.95 -6.15 -15.56
N ARG A 517 25.04 -4.85 -15.29
CA ARG A 517 25.99 -4.34 -14.31
C ARG A 517 25.58 -4.61 -12.87
N TYR A 518 24.36 -5.10 -12.63
CA TYR A 518 23.98 -5.51 -11.30
C TYR A 518 24.85 -6.65 -10.78
N GLY A 519 25.51 -7.40 -11.66
CA GLY A 519 26.42 -8.43 -11.24
C GLY A 519 27.69 -7.88 -10.61
N ARG A 520 28.37 -6.99 -11.30
CA ARG A 520 29.54 -6.28 -10.79
C ARG A 520 29.36 -4.79 -11.02
N GLU A 521 29.35 -4.01 -9.94
CA GLU A 521 29.18 -2.57 -10.05
C GLU A 521 30.46 -1.84 -10.44
N ASP A 522 31.62 -2.50 -10.36
CA ASP A 522 32.86 -1.90 -10.83
C ASP A 522 33.13 -2.20 -12.30
N ALA A 523 32.18 -2.84 -12.99
CA ALA A 523 32.36 -3.17 -14.40
C ALA A 523 32.18 -1.93 -15.26
N THR A 524 33.12 -1.70 -16.17
CA THR A 524 33.03 -0.59 -17.10
C THR A 524 32.09 -0.96 -18.25
N MET A 525 32.03 -0.09 -19.26
CA MET A 525 31.15 -0.34 -20.40
C MET A 525 31.68 -1.48 -21.26
N GLU A 526 33.00 -1.55 -21.45
CA GLU A 526 33.56 -2.64 -22.24
C GLU A 526 33.34 -3.99 -21.58
N ASP A 527 33.31 -4.04 -20.25
CA ASP A 527 32.98 -5.29 -19.56
C ASP A 527 31.57 -5.74 -19.88
N ILE A 528 30.61 -4.82 -19.88
CA ILE A 528 29.23 -5.17 -20.21
C ILE A 528 29.12 -5.57 -21.67
N VAL A 529 29.87 -4.91 -22.55
CA VAL A 529 29.86 -5.26 -23.96
C VAL A 529 30.39 -6.68 -24.15
N GLN A 530 31.49 -7.01 -23.48
CA GLN A 530 32.03 -8.36 -23.57
C GLN A 530 31.05 -9.39 -23.00
N ALA A 531 30.40 -9.06 -21.89
CA ALA A 531 29.43 -9.98 -21.30
C ALA A 531 28.28 -10.24 -22.28
N ALA A 532 27.80 -9.20 -22.96
CA ALA A 532 26.75 -9.38 -23.95
C ALA A 532 27.26 -10.20 -25.13
N LYS A 533 28.54 -10.05 -25.49
CA LYS A 533 29.09 -10.84 -26.59
C LYS A 533 29.13 -12.32 -26.26
N GLU A 534 29.60 -12.68 -25.05
CA GLU A 534 29.51 -14.08 -24.64
C GLU A 534 28.08 -14.57 -24.48
N ALA A 535 27.16 -13.71 -24.04
CA ALA A 535 25.78 -14.15 -23.85
C ALA A 535 24.99 -14.18 -25.14
N ASN A 536 25.63 -13.92 -26.29
CA ASN A 536 24.95 -13.83 -27.58
C ASN A 536 23.81 -12.81 -27.52
N ALA A 537 24.06 -11.71 -26.82
CA ALA A 537 23.09 -10.63 -26.69
C ALA A 537 23.50 -9.37 -27.43
N TYR A 538 24.73 -9.32 -27.94
CA TYR A 538 25.22 -8.09 -28.57
C TYR A 538 24.41 -7.72 -29.80
N ASN A 539 24.09 -8.71 -30.64
CA ASN A 539 23.45 -8.41 -31.93
C ASN A 539 22.06 -7.80 -31.74
N PHE A 540 21.20 -8.45 -30.96
CA PHE A 540 19.83 -7.95 -30.83
C PHE A 540 19.78 -6.68 -30.00
N ILE A 541 20.73 -6.48 -29.09
CA ILE A 541 20.79 -5.23 -28.35
C ILE A 541 21.21 -4.08 -29.26
N MET A 542 22.24 -4.30 -30.09
CA MET A 542 22.66 -3.27 -31.02
C MET A 542 21.64 -3.04 -32.12
N ASP A 543 20.73 -3.98 -32.36
CA ASP A 543 19.65 -3.80 -33.31
C ASP A 543 18.41 -3.18 -32.66
N LEU A 544 18.59 -2.44 -31.57
CA LEU A 544 17.51 -1.78 -30.85
C LEU A 544 17.63 -0.27 -31.01
N PRO A 545 16.51 0.46 -31.01
CA PRO A 545 16.57 1.92 -31.17
C PRO A 545 17.46 2.60 -30.14
N GLN A 546 17.36 2.20 -28.87
CA GLN A 546 18.24 2.68 -27.81
C GLN A 546 19.14 1.51 -27.42
N GLN A 547 20.34 1.50 -28.00
CA GLN A 547 21.27 0.39 -27.78
C GLN A 547 21.79 0.42 -26.34
N PHE A 548 21.59 -0.68 -25.63
CA PHE A 548 22.10 -0.89 -24.28
C PHE A 548 21.45 0.04 -23.27
N ASP A 549 20.54 0.90 -23.72
CA ASP A 549 19.82 1.82 -22.85
C ASP A 549 18.31 1.60 -22.93
N THR A 550 17.88 0.52 -23.58
CA THR A 550 16.46 0.21 -23.65
C THR A 550 15.93 -0.20 -22.28
N LEU A 551 14.74 0.27 -21.95
CA LEU A 551 14.11 -0.06 -20.67
C LEU A 551 13.42 -1.41 -20.79
N VAL A 552 13.85 -2.37 -19.97
CA VAL A 552 13.33 -3.73 -20.08
C VAL A 552 11.91 -3.84 -19.54
N GLY A 553 11.53 -2.94 -18.65
CA GLY A 553 10.21 -2.96 -18.07
C GLY A 553 10.18 -3.69 -16.74
N GLU A 554 8.97 -3.83 -16.20
CA GLU A 554 8.76 -4.43 -14.89
C GLU A 554 8.95 -5.94 -14.99
N GLY A 555 10.02 -6.44 -14.37
CA GLY A 555 10.32 -7.85 -14.42
C GLY A 555 10.87 -8.35 -15.73
N GLY A 556 11.22 -7.47 -16.65
CA GLY A 556 11.58 -7.85 -18.00
C GLY A 556 10.42 -8.10 -18.92
N GLY A 557 9.21 -7.67 -18.55
CA GLY A 557 8.04 -7.98 -19.34
C GLY A 557 8.08 -7.41 -20.74
N GLN A 558 8.70 -6.25 -20.91
CA GLN A 558 8.80 -5.65 -22.23
C GLN A 558 10.02 -6.17 -22.98
N MET A 559 10.18 -7.50 -23.00
CA MET A 559 11.24 -8.17 -23.72
C MET A 559 10.73 -9.55 -24.10
N SER A 560 11.43 -10.20 -25.02
CA SER A 560 11.11 -11.58 -25.35
C SER A 560 11.75 -12.53 -24.35
N GLY A 561 11.20 -13.73 -24.27
CA GLY A 561 11.72 -14.70 -23.31
C GLY A 561 13.18 -15.03 -23.55
N GLY A 562 13.55 -15.23 -24.80
CA GLY A 562 14.95 -15.51 -25.11
C GLY A 562 15.85 -14.33 -24.84
N GLN A 563 15.36 -13.11 -25.11
CA GLN A 563 16.15 -11.92 -24.79
C GLN A 563 16.35 -11.77 -23.30
N LYS A 564 15.30 -11.99 -22.50
CA LYS A 564 15.43 -11.96 -21.05
C LYS A 564 16.44 -13.00 -20.58
N GLN A 565 16.34 -14.22 -21.11
CA GLN A 565 17.25 -15.28 -20.69
C GLN A 565 18.69 -14.95 -21.04
N ARG A 566 18.93 -14.38 -22.23
CA ARG A 566 20.30 -14.07 -22.63
C ARG A 566 20.85 -12.90 -21.82
N VAL A 567 20.01 -11.93 -21.47
CA VAL A 567 20.46 -10.84 -20.60
C VAL A 567 20.82 -11.39 -19.23
N ALA A 568 20.02 -12.34 -18.72
CA ALA A 568 20.33 -12.97 -17.45
C ALA A 568 21.65 -13.74 -17.52
N ILE A 569 21.90 -14.41 -18.65
CA ILE A 569 23.17 -15.11 -18.84
C ILE A 569 24.33 -14.11 -18.81
N ALA A 570 24.15 -12.96 -19.47
CA ALA A 570 25.18 -11.92 -19.43
C ALA A 570 25.40 -11.41 -18.02
N ARG A 571 24.33 -11.32 -17.22
CA ARG A 571 24.46 -10.87 -15.84
C ARG A 571 25.32 -11.84 -15.02
N ALA A 572 25.12 -13.14 -15.21
CA ALA A 572 25.88 -14.12 -14.43
C ALA A 572 27.33 -14.21 -14.90
N LEU A 573 27.57 -13.97 -16.19
CA LEU A 573 28.92 -14.10 -16.73
C LEU A 573 29.79 -12.89 -16.48
N ILE A 574 29.20 -11.73 -16.20
CA ILE A 574 30.01 -10.54 -15.94
C ILE A 574 30.74 -10.65 -14.61
N ARG A 575 30.29 -11.52 -13.72
CA ARG A 575 30.92 -11.68 -12.42
C ARG A 575 32.18 -12.53 -12.47
N ASN A 576 32.38 -13.28 -13.55
CA ASN A 576 33.46 -14.25 -13.66
C ASN A 576 33.56 -15.14 -12.42
N PRO A 577 32.50 -15.86 -12.08
CA PRO A 577 32.52 -16.65 -10.85
C PRO A 577 33.24 -17.98 -11.03
N LYS A 578 33.59 -18.58 -9.89
CA LYS A 578 34.18 -19.90 -9.92
C LYS A 578 33.14 -20.99 -10.15
N ILE A 579 31.91 -20.77 -9.73
CA ILE A 579 30.84 -21.75 -9.82
C ILE A 579 29.68 -21.14 -10.59
N LEU A 580 29.27 -21.82 -11.67
CA LEU A 580 28.13 -21.41 -12.47
C LEU A 580 27.00 -22.40 -12.29
N LEU A 581 25.80 -21.90 -12.01
CA LEU A 581 24.60 -22.72 -11.82
C LEU A 581 23.58 -22.30 -12.88
N LEU A 582 23.55 -23.03 -13.99
CA LEU A 582 22.67 -22.70 -15.11
C LEU A 582 21.45 -23.61 -15.05
N ASP A 583 20.38 -23.12 -14.43
CA ASP A 583 19.13 -23.88 -14.31
C ASP A 583 18.32 -23.65 -15.58
N MET A 584 18.52 -24.51 -16.57
CA MET A 584 17.81 -24.44 -17.85
C MET A 584 18.00 -23.07 -18.49
N ALA A 585 19.26 -22.76 -18.80
CA ALA A 585 19.63 -21.42 -19.23
C ALA A 585 19.34 -21.15 -20.71
N THR A 586 18.90 -22.15 -21.47
CA THR A 586 18.56 -21.98 -22.87
C THR A 586 17.16 -22.50 -23.16
N SER A 587 16.25 -22.34 -22.21
CA SER A 587 14.90 -22.87 -22.35
C SER A 587 14.12 -22.16 -23.45
N ALA A 588 14.32 -20.84 -23.58
CA ALA A 588 13.53 -20.03 -24.50
C ALA A 588 14.28 -19.67 -25.78
N LEU A 589 15.40 -20.33 -26.06
CA LEU A 589 16.20 -20.03 -27.24
C LEU A 589 15.94 -21.05 -28.34
N ASP A 590 16.02 -20.59 -29.59
CA ASP A 590 15.93 -21.50 -30.73
C ASP A 590 17.22 -22.30 -30.87
N ASN A 591 17.26 -23.18 -31.86
CA ASN A 591 18.40 -24.08 -32.01
C ASN A 591 19.68 -23.31 -32.33
N GLU A 592 19.61 -22.30 -33.19
CA GLU A 592 20.81 -21.59 -33.62
C GLU A 592 21.42 -20.80 -32.46
N SER A 593 20.61 -20.00 -31.76
CA SER A 593 21.14 -19.23 -30.65
C SER A 593 21.55 -20.11 -29.48
N GLU A 594 20.84 -21.22 -29.26
CA GLU A 594 21.27 -22.18 -28.25
C GLU A 594 22.64 -22.75 -28.58
N ALA A 595 22.86 -23.10 -29.85
CA ALA A 595 24.17 -23.59 -30.27
C ALA A 595 25.24 -22.53 -30.08
N MET A 596 24.92 -21.28 -30.41
CA MET A 596 25.89 -20.19 -30.24
C MET A 596 26.25 -20.01 -28.77
N VAL A 597 25.26 -20.07 -27.88
CA VAL A 597 25.52 -19.94 -26.44
C VAL A 597 26.34 -21.12 -25.94
N GLN A 598 25.95 -22.34 -26.32
CA GLN A 598 26.63 -23.53 -25.85
C GLN A 598 28.06 -23.61 -26.36
N GLU A 599 28.35 -23.01 -27.52
CA GLU A 599 29.73 -23.00 -28.01
C GLU A 599 30.65 -22.26 -27.04
N VAL A 600 30.26 -21.05 -26.63
CA VAL A 600 31.08 -20.30 -25.68
C VAL A 600 31.06 -20.98 -24.31
N LEU A 601 29.92 -21.59 -23.94
CA LEU A 601 29.86 -22.27 -22.65
C LEU A 601 30.83 -23.45 -22.59
N SER A 602 30.96 -24.18 -23.69
CA SER A 602 31.96 -25.25 -23.76
C SER A 602 33.37 -24.68 -23.87
N LYS A 603 33.52 -23.51 -24.48
CA LYS A 603 34.84 -22.90 -24.57
C LYS A 603 35.39 -22.53 -23.18
N ILE A 604 34.54 -21.97 -22.32
CA ILE A 604 34.97 -21.56 -20.97
C ILE A 604 34.68 -22.74 -20.05
N GLN A 605 35.67 -23.64 -19.93
CA GLN A 605 35.53 -24.80 -19.06
C GLN A 605 36.75 -24.96 -18.15
N HIS A 606 37.90 -24.45 -18.60
CA HIS A 606 39.14 -24.68 -17.87
C HIS A 606 39.12 -24.04 -16.48
N GLY A 607 38.63 -22.81 -16.39
CA GLY A 607 38.64 -22.06 -15.15
C GLY A 607 37.32 -21.93 -14.44
N HIS A 608 36.31 -22.72 -14.81
CA HIS A 608 34.98 -22.60 -14.22
C HIS A 608 34.45 -23.96 -13.83
N THR A 609 33.64 -23.99 -12.78
CA THR A 609 32.89 -25.16 -12.36
C THR A 609 31.43 -24.93 -12.72
N ILE A 610 30.95 -25.62 -13.75
CA ILE A 610 29.64 -25.36 -14.34
C ILE A 610 28.72 -26.53 -14.02
N ILE A 611 27.53 -26.22 -13.52
CA ILE A 611 26.49 -27.19 -13.25
C ILE A 611 25.24 -26.72 -13.95
N SER A 612 24.77 -27.49 -14.93
CA SER A 612 23.66 -27.07 -15.79
C SER A 612 22.55 -28.11 -15.74
N VAL A 613 21.33 -27.66 -15.45
CA VAL A 613 20.14 -28.49 -15.64
C VAL A 613 19.73 -28.39 -17.10
N ALA A 614 19.55 -29.54 -17.74
CA ALA A 614 19.38 -29.54 -19.19
C ALA A 614 18.37 -30.61 -19.59
N HIS A 615 17.77 -30.41 -20.77
CA HIS A 615 16.89 -31.40 -21.38
C HIS A 615 17.34 -31.81 -22.78
N ARG A 616 17.95 -30.90 -23.53
CA ARG A 616 18.37 -31.21 -24.90
C ARG A 616 19.43 -32.30 -24.89
N LEU A 617 19.32 -33.23 -25.84
CA LEU A 617 20.33 -34.27 -25.95
C LEU A 617 21.69 -33.70 -26.28
N SER A 618 21.74 -32.65 -27.10
CA SER A 618 23.00 -31.99 -27.40
C SER A 618 23.63 -31.39 -26.15
N THR A 619 22.81 -30.78 -25.29
CA THR A 619 23.31 -30.26 -24.03
C THR A 619 23.85 -31.39 -23.15
N VAL A 620 23.11 -32.50 -23.09
CA VAL A 620 23.52 -33.63 -22.27
C VAL A 620 24.83 -34.24 -22.73
N ARG A 621 25.01 -34.41 -24.04
CA ARG A 621 26.28 -34.89 -24.56
C ARG A 621 27.31 -33.76 -24.51
N ALA A 622 28.58 -34.15 -24.70
CA ALA A 622 29.72 -33.24 -24.53
C ALA A 622 29.76 -32.64 -23.13
N ALA A 623 29.19 -33.35 -22.16
CA ALA A 623 29.26 -33.00 -20.76
C ALA A 623 30.15 -34.01 -20.05
N ASP A 624 31.12 -33.52 -19.28
CA ASP A 624 32.09 -34.40 -18.66
C ASP A 624 31.44 -35.35 -17.67
N THR A 625 30.32 -34.94 -17.06
CA THR A 625 29.63 -35.77 -16.09
C THR A 625 28.12 -35.56 -16.22
N ILE A 626 27.39 -36.66 -16.17
CA ILE A 626 25.93 -36.64 -16.19
C ILE A 626 25.42 -37.30 -14.93
N ILE A 627 24.57 -36.59 -14.19
CA ILE A 627 24.01 -37.07 -12.93
C ILE A 627 22.49 -37.07 -13.07
N GLY A 628 21.88 -38.23 -12.84
CA GLY A 628 20.44 -38.37 -12.96
C GLY A 628 19.75 -38.30 -11.61
N PHE A 629 18.63 -37.60 -11.58
CA PHE A 629 17.83 -37.40 -10.38
C PHE A 629 16.54 -38.19 -10.48
N GLU A 630 16.20 -38.92 -9.42
CA GLU A 630 14.98 -39.71 -9.39
C GLU A 630 14.40 -39.67 -7.98
N HIS A 631 13.33 -38.88 -7.80
CA HIS A 631 12.58 -38.82 -6.56
C HIS A 631 13.46 -38.48 -5.37
N GLY A 632 14.48 -37.67 -5.58
CA GLY A 632 15.37 -37.28 -4.49
C GLY A 632 16.69 -38.01 -4.50
N THR A 633 16.73 -39.19 -5.11
CA THR A 633 17.97 -39.94 -5.22
C THR A 633 18.72 -39.52 -6.48
N ALA A 634 20.04 -39.48 -6.38
CA ALA A 634 20.90 -39.12 -7.50
C ALA A 634 21.86 -40.26 -7.80
N VAL A 635 21.88 -40.71 -9.05
CA VAL A 635 22.84 -41.71 -9.51
C VAL A 635 23.47 -41.20 -10.80
N GLU A 636 24.73 -41.56 -11.03
CA GLU A 636 25.45 -41.07 -12.18
C GLU A 636 24.93 -41.74 -13.47
N ARG A 637 25.24 -41.09 -14.59
CA ARG A 637 24.91 -41.57 -15.93
C ARG A 637 23.41 -41.84 -16.08
N GLU A 737 -11.16 15.92 -11.23
CA GLU A 737 -9.91 16.55 -11.64
C GLU A 737 -9.94 18.09 -11.51
N PRO A 738 -10.96 18.77 -12.06
CA PRO A 738 -11.03 20.23 -11.89
C PRO A 738 -11.73 20.68 -10.62
N ALA A 739 -12.68 19.90 -10.10
CA ALA A 739 -13.38 20.19 -8.85
C ALA A 739 -13.36 18.97 -7.95
N PRO A 740 -12.23 18.62 -7.28
CA PRO A 740 -12.20 17.39 -6.48
C PRO A 740 -13.28 17.40 -5.39
N VAL A 741 -13.49 18.54 -4.72
CA VAL A 741 -14.44 18.54 -3.61
C VAL A 741 -15.87 18.35 -4.13
N ARG A 742 -16.23 19.02 -5.22
CA ARG A 742 -17.56 18.87 -5.78
C ARG A 742 -17.81 17.43 -6.24
N ARG A 743 -16.80 16.81 -6.85
CA ARG A 743 -16.95 15.43 -7.29
C ARG A 743 -17.20 14.50 -6.12
N ILE A 744 -16.47 14.69 -5.01
CA ILE A 744 -16.66 13.81 -3.86
C ILE A 744 -18.01 14.09 -3.19
N LEU A 745 -18.46 15.33 -3.24
CA LEU A 745 -19.78 15.65 -2.69
C LEU A 745 -20.88 14.95 -3.48
N LYS A 746 -20.74 14.92 -4.81
CA LYS A 746 -21.69 14.16 -5.63
C LYS A 746 -21.52 12.67 -5.44
N PHE A 747 -20.30 12.24 -5.13
CA PHE A 747 -19.99 10.82 -5.00
C PHE A 747 -20.55 10.21 -3.72
N SER A 748 -20.57 10.98 -2.63
CA SER A 748 -21.00 10.48 -1.33
C SER A 748 -22.52 10.57 -1.13
N ALA A 749 -23.30 10.60 -2.21
CA ALA A 749 -24.75 10.69 -2.08
C ALA A 749 -25.38 9.54 -1.29
N PRO A 750 -25.03 8.27 -1.51
CA PRO A 750 -25.71 7.20 -0.78
C PRO A 750 -25.43 7.17 0.71
N GLU A 751 -24.67 8.12 1.24
CA GLU A 751 -24.44 8.24 2.67
C GLU A 751 -25.17 9.42 3.28
N TRP A 752 -26.15 9.97 2.58
CA TRP A 752 -26.90 11.11 3.11
C TRP A 752 -27.60 10.84 4.44
N PRO A 753 -28.21 9.68 4.71
CA PRO A 753 -28.89 9.52 6.01
C PRO A 753 -27.94 9.64 7.19
N TYR A 754 -26.70 9.17 7.06
CA TYR A 754 -25.76 9.20 8.18
C TYR A 754 -25.15 10.57 8.37
N MET A 755 -24.96 11.33 7.29
CA MET A 755 -24.51 12.71 7.45
C MET A 755 -25.63 13.61 7.94
N LEU A 756 -26.88 13.25 7.67
CA LEU A 756 -28.01 14.04 8.13
C LEU A 756 -28.14 13.98 9.65
N VAL A 757 -28.12 12.77 10.21
CA VAL A 757 -28.23 12.62 11.67
C VAL A 757 -26.96 13.12 12.35
N GLY A 758 -25.80 12.86 11.75
CA GLY A 758 -24.56 13.37 12.30
C GLY A 758 -24.51 14.88 12.31
N SER A 759 -24.99 15.52 11.25
CA SER A 759 -25.03 16.98 11.22
C SER A 759 -25.97 17.53 12.27
N VAL A 760 -27.11 16.88 12.48
CA VAL A 760 -28.04 17.32 13.52
C VAL A 760 -27.38 17.22 14.90
N GLY A 761 -26.70 16.09 15.16
CA GLY A 761 -26.00 15.96 16.43
C GLY A 761 -24.91 17.00 16.61
N ALA A 762 -24.13 17.26 15.55
CA ALA A 762 -23.05 18.22 15.66
C ALA A 762 -23.58 19.64 15.84
N ALA A 763 -24.69 19.97 15.18
CA ALA A 763 -25.29 21.30 15.37
C ALA A 763 -25.81 21.46 16.79
N VAL A 764 -26.47 20.43 17.33
CA VAL A 764 -26.92 20.51 18.71
C VAL A 764 -25.74 20.62 19.67
N ASN A 765 -24.64 19.93 19.36
CA ASN A 765 -23.44 20.04 20.18
C ASN A 765 -22.86 21.45 20.13
N GLY A 766 -22.84 22.06 18.94
CA GLY A 766 -22.28 23.38 18.80
C GLY A 766 -23.15 24.47 19.39
N THR A 767 -24.46 24.21 19.51
CA THR A 767 -25.35 25.23 20.05
C THR A 767 -25.23 25.35 21.56
N VAL A 768 -24.99 24.25 22.27
CA VAL A 768 -25.10 24.25 23.72
C VAL A 768 -23.95 25.04 24.35
N THR A 769 -22.77 25.03 23.73
CA THR A 769 -21.63 25.69 24.34
C THR A 769 -21.82 27.20 24.54
N PRO A 770 -22.29 27.99 23.55
CA PRO A 770 -22.53 29.41 23.83
C PRO A 770 -23.88 29.65 24.50
N LEU A 771 -24.83 28.73 24.30
CA LEU A 771 -26.13 28.86 24.96
C LEU A 771 -26.00 28.69 26.47
N TYR A 772 -25.11 27.78 26.89
CA TYR A 772 -24.88 27.58 28.32
C TYR A 772 -24.35 28.84 28.99
N ALA A 773 -23.42 29.53 28.32
CA ALA A 773 -22.88 30.78 28.85
C ALA A 773 -23.96 31.84 28.98
N PHE A 774 -24.84 31.91 27.99
CA PHE A 774 -25.94 32.87 28.03
C PHE A 774 -26.89 32.57 29.19
N LEU A 775 -27.18 31.29 29.43
CA LEU A 775 -28.19 30.94 30.42
C LEU A 775 -27.69 31.18 31.85
N PHE A 776 -26.46 30.77 32.17
CA PHE A 776 -26.01 30.90 33.56
C PHE A 776 -25.83 32.37 33.93
N SER A 777 -25.63 33.24 32.94
CA SER A 777 -25.67 34.67 33.18
C SER A 777 -27.08 35.08 33.59
N GLN A 778 -28.10 34.51 32.95
CA GLN A 778 -29.48 34.82 33.30
C GLN A 778 -29.82 34.30 34.69
N ILE A 779 -29.39 33.07 35.01
CA ILE A 779 -29.71 32.50 36.31
C ILE A 779 -29.03 33.29 37.42
N LEU A 780 -27.78 33.71 37.20
CA LEU A 780 -27.11 34.54 38.19
C LEU A 780 -27.71 35.94 38.24
N GLY A 781 -27.92 36.56 37.09
CA GLY A 781 -28.42 37.92 37.04
C GLY A 781 -27.50 38.89 37.75
N THR A 782 -28.01 39.56 38.77
CA THR A 782 -27.20 40.45 39.61
C THR A 782 -27.63 40.33 41.07
N GLU A 789 -28.81 32.53 45.88
CA GLU A 789 -29.38 32.91 47.16
C GLU A 789 -30.44 31.93 47.64
N GLU A 790 -31.55 31.87 46.91
CA GLU A 790 -32.69 31.06 47.33
C GLU A 790 -32.34 29.58 47.27
N GLN A 791 -32.79 28.85 48.29
CA GLN A 791 -32.60 27.40 48.32
C GLN A 791 -33.60 26.70 47.40
N ARG A 792 -34.75 27.33 47.16
CA ARG A 792 -35.82 26.66 46.42
C ARG A 792 -35.62 26.79 44.92
N SER A 793 -35.63 28.02 44.40
CA SER A 793 -35.72 28.25 42.96
C SER A 793 -34.37 28.42 42.27
N GLN A 794 -33.43 29.14 42.89
CA GLN A 794 -32.15 29.35 42.22
C GLN A 794 -31.34 28.07 42.14
N ILE A 795 -31.33 27.27 43.21
CA ILE A 795 -30.56 26.03 43.22
C ILE A 795 -31.16 25.02 42.26
N ASN A 796 -32.49 24.88 42.26
CA ASN A 796 -33.14 23.92 41.39
C ASN A 796 -32.92 24.25 39.92
N GLY A 797 -33.02 25.52 39.56
CA GLY A 797 -32.83 25.91 38.17
C GLY A 797 -31.42 25.63 37.67
N VAL A 798 -30.42 25.86 38.53
CA VAL A 798 -29.04 25.54 38.16
C VAL A 798 -28.86 24.05 37.99
N CYS A 799 -29.43 23.25 38.90
CA CYS A 799 -29.26 21.81 38.86
C CYS A 799 -29.90 21.20 37.61
N LEU A 800 -31.09 21.68 37.23
CA LEU A 800 -31.76 21.12 36.07
C LEU A 800 -31.01 21.44 34.79
N LEU A 801 -30.37 22.61 34.72
CA LEU A 801 -29.55 22.95 33.57
C LEU A 801 -28.41 21.97 33.39
N PHE A 802 -27.75 21.61 34.50
CA PHE A 802 -26.66 20.64 34.42
C PHE A 802 -27.14 19.27 33.97
N VAL A 803 -28.28 18.83 34.50
CA VAL A 803 -28.83 17.53 34.12
C VAL A 803 -29.17 17.49 32.64
N ALA A 804 -29.83 18.55 32.15
CA ALA A 804 -30.20 18.60 30.74
C ALA A 804 -28.97 18.64 29.84
N MET A 805 -28.00 19.50 30.18
CA MET A 805 -26.79 19.60 29.38
C MET A 805 -25.92 18.36 29.48
N GLY A 806 -26.13 17.52 30.49
CA GLY A 806 -25.45 16.25 30.55
C GLY A 806 -26.10 15.21 29.67
N CYS A 807 -27.43 15.05 29.80
CA CYS A 807 -28.12 14.00 29.04
C CYS A 807 -28.13 14.30 27.55
N VAL A 808 -28.50 15.52 27.17
CA VAL A 808 -28.55 15.86 25.75
C VAL A 808 -27.16 15.73 25.11
N SER A 809 -26.13 16.15 25.83
CA SER A 809 -24.77 15.97 25.32
C SER A 809 -24.42 14.49 25.19
N LEU A 810 -24.79 13.69 26.20
CA LEU A 810 -24.53 12.26 26.14
C LEU A 810 -25.10 11.64 24.87
N PHE A 811 -26.29 12.07 24.46
CA PHE A 811 -26.88 11.49 23.25
C PHE A 811 -26.26 12.09 21.98
N THR A 812 -26.09 13.41 21.94
CA THR A 812 -25.73 14.06 20.67
C THR A 812 -24.26 13.88 20.34
N GLN A 813 -23.37 13.85 21.34
CA GLN A 813 -21.97 13.57 21.06
C GLN A 813 -21.81 12.16 20.50
N PHE A 814 -22.55 11.21 21.05
CA PHE A 814 -22.55 9.86 20.50
C PHE A 814 -23.04 9.86 19.06
N LEU A 815 -24.16 10.56 18.80
CA LEU A 815 -24.68 10.61 17.44
C LEU A 815 -23.64 11.15 16.47
N GLN A 816 -23.02 12.29 16.80
CA GLN A 816 -22.02 12.86 15.91
C GLN A 816 -20.87 11.91 15.67
N GLY A 817 -20.25 11.42 16.75
CA GLY A 817 -19.05 10.61 16.64
C GLY A 817 -19.28 9.26 16.00
N TYR A 818 -20.50 8.74 16.08
CA TYR A 818 -20.81 7.48 15.43
C TYR A 818 -21.19 7.67 13.97
N ALA A 819 -22.09 8.62 13.69
CA ALA A 819 -22.60 8.78 12.33
C ALA A 819 -21.50 9.23 11.38
N PHE A 820 -20.65 10.18 11.80
CA PHE A 820 -19.61 10.62 10.87
C PHE A 820 -18.55 9.56 10.65
N ALA A 821 -18.22 8.77 11.69
CA ALA A 821 -17.29 7.66 11.51
C ALA A 821 -17.84 6.61 10.56
N LYS A 822 -19.15 6.30 10.69
CA LYS A 822 -19.75 5.35 9.77
C LYS A 822 -19.76 5.86 8.33
N SER A 823 -20.05 7.16 8.15
CA SER A 823 -19.99 7.74 6.82
C SER A 823 -18.59 7.63 6.23
N GLY A 824 -17.57 7.92 7.04
CA GLY A 824 -16.20 7.79 6.57
C GLY A 824 -15.85 6.37 6.18
N GLU A 825 -16.28 5.39 6.98
CA GLU A 825 -15.98 3.99 6.67
C GLU A 825 -16.65 3.57 5.37
N LEU A 826 -17.92 3.90 5.19
CA LEU A 826 -18.61 3.56 3.95
C LEU A 826 -17.94 4.23 2.76
N LEU A 827 -17.57 5.50 2.90
CA LEU A 827 -16.96 6.23 1.80
C LEU A 827 -15.61 5.62 1.41
N THR A 828 -14.79 5.26 2.40
CA THR A 828 -13.49 4.70 2.07
C THR A 828 -13.61 3.31 1.47
N LYS A 829 -14.61 2.50 1.81
CA LYS A 829 -14.68 1.16 1.14
C LYS A 829 -15.24 1.34 -0.26
N ARG A 830 -16.16 2.26 -0.42
CA ARG A 830 -16.62 2.47 -1.79
C ARG A 830 -15.48 2.99 -2.66
N LEU A 831 -14.67 3.91 -2.13
CA LEU A 831 -13.51 4.41 -2.87
C LEU A 831 -12.57 3.28 -3.25
N ARG A 832 -12.24 2.42 -2.29
CA ARG A 832 -11.29 1.34 -2.56
C ARG A 832 -11.84 0.37 -3.59
N LYS A 833 -13.10 -0.02 -3.44
CA LYS A 833 -13.69 -0.97 -4.38
C LYS A 833 -13.76 -0.39 -5.78
N PHE A 834 -14.22 0.86 -5.91
CA PHE A 834 -14.36 1.45 -7.25
C PHE A 834 -13.00 1.70 -7.89
N GLY A 835 -11.99 2.08 -7.08
CA GLY A 835 -10.66 2.23 -7.63
C GLY A 835 -10.11 0.92 -8.17
N PHE A 836 -10.26 -0.16 -7.39
CA PHE A 836 -9.79 -1.46 -7.86
C PHE A 836 -10.53 -1.89 -9.12
N ARG A 837 -11.85 -1.68 -9.17
CA ARG A 837 -12.62 -2.06 -10.34
C ARG A 837 -12.20 -1.26 -11.56
N ALA A 838 -11.97 0.05 -11.40
CA ALA A 838 -11.56 0.88 -12.53
C ALA A 838 -10.16 0.52 -13.01
N MET A 839 -9.27 0.10 -12.09
CA MET A 839 -7.95 -0.32 -12.52
C MET A 839 -8.00 -1.54 -13.43
N LEU A 840 -8.88 -2.50 -13.14
CA LEU A 840 -8.93 -3.74 -13.90
C LEU A 840 -9.52 -3.57 -15.29
N GLY A 841 -10.27 -2.51 -15.53
CA GLY A 841 -10.87 -2.26 -16.83
C GLY A 841 -9.98 -1.59 -17.84
N GLN A 842 -8.75 -1.24 -17.49
CA GLN A 842 -7.85 -0.57 -18.40
C GLN A 842 -7.20 -1.58 -19.34
N ASP A 843 -6.71 -1.06 -20.47
CA ASP A 843 -6.06 -1.89 -21.46
C ASP A 843 -4.65 -2.27 -21.02
N ILE A 844 -4.10 -3.28 -21.69
CA ILE A 844 -2.78 -3.79 -21.33
C ILE A 844 -1.71 -2.74 -21.54
N ALA A 845 -1.90 -1.85 -22.53
CA ALA A 845 -0.92 -0.80 -22.77
C ALA A 845 -0.79 0.13 -21.57
N TRP A 846 -1.89 0.37 -20.87
CA TRP A 846 -1.84 1.19 -19.66
C TRP A 846 -0.95 0.56 -18.60
N PHE A 847 -1.09 -0.76 -18.41
CA PHE A 847 -0.28 -1.48 -17.43
C PHE A 847 1.19 -1.56 -17.82
N ASP A 848 1.54 -1.25 -19.07
CA ASP A 848 2.93 -1.29 -19.51
C ASP A 848 3.65 0.04 -19.33
N ASP A 849 2.94 1.11 -18.99
CA ASP A 849 3.59 2.38 -18.75
C ASP A 849 4.41 2.32 -17.47
N LEU A 850 5.59 2.94 -17.49
CA LEU A 850 6.48 2.90 -16.35
C LEU A 850 5.90 3.60 -15.13
N ARG A 851 5.01 4.57 -15.32
CA ARG A 851 4.36 5.23 -14.20
C ARG A 851 3.29 4.37 -13.54
N ASN A 852 2.96 3.23 -14.14
CA ASN A 852 1.90 2.34 -13.65
C ASN A 852 2.46 0.99 -13.24
N SER A 853 3.60 1.00 -12.54
CA SER A 853 4.19 -0.24 -12.05
C SER A 853 3.30 -0.85 -10.97
N PRO A 854 3.37 -2.18 -10.79
CA PRO A 854 2.51 -2.83 -9.78
C PRO A 854 2.71 -2.28 -8.38
N GLY A 855 3.94 -1.94 -8.00
CA GLY A 855 4.16 -1.32 -6.70
C GLY A 855 3.48 0.02 -6.57
N ALA A 856 3.57 0.85 -7.62
CA ALA A 856 2.95 2.16 -7.58
C ALA A 856 1.43 2.07 -7.48
N LEU A 857 0.82 1.13 -8.22
CA LEU A 857 -0.62 0.98 -8.17
C LEU A 857 -1.08 0.45 -6.82
N THR A 858 -0.32 -0.48 -6.23
CA THR A 858 -0.66 -0.96 -4.90
C THR A 858 -0.55 0.15 -3.85
N THR A 859 0.49 0.99 -3.97
CA THR A 859 0.61 2.13 -3.06
C THR A 859 -0.54 3.11 -3.25
N ARG A 860 -0.97 3.32 -4.50
CA ARG A 860 -2.13 4.16 -4.76
C ARG A 860 -3.38 3.58 -4.10
N LEU A 861 -3.57 2.26 -4.21
CA LEU A 861 -4.75 1.64 -3.62
C LEU A 861 -4.73 1.70 -2.10
N ALA A 862 -3.56 1.51 -1.48
CA ALA A 862 -3.49 1.43 -0.03
C ALA A 862 -3.60 2.79 0.65
N THR A 863 -3.08 3.85 0.02
CA THR A 863 -2.93 5.12 0.71
C THR A 863 -3.98 6.16 0.34
N ASP A 864 -4.36 6.23 -0.94
CA ASP A 864 -5.25 7.31 -1.38
C ASP A 864 -6.63 7.20 -0.75
N ALA A 865 -7.05 6.00 -0.35
CA ALA A 865 -8.34 5.85 0.32
C ALA A 865 -8.28 6.31 1.77
N SER A 866 -7.15 6.07 2.45
CA SER A 866 -7.04 6.47 3.85
C SER A 866 -6.97 7.99 3.99
N GLN A 867 -6.29 8.65 3.06
CA GLN A 867 -6.17 10.10 3.13
C GLN A 867 -7.53 10.78 2.99
N VAL A 868 -8.35 10.30 2.04
CA VAL A 868 -9.68 10.87 1.89
C VAL A 868 -10.54 10.57 3.12
N GLN A 869 -10.36 9.39 3.71
CA GLN A 869 -11.08 9.05 4.94
C GLN A 869 -10.71 9.99 6.07
N GLY A 870 -9.42 10.37 6.17
CA GLY A 870 -8.99 11.24 7.25
C GLY A 870 -9.72 12.57 7.24
N ALA A 871 -9.92 13.14 6.05
CA ALA A 871 -10.69 14.38 5.96
C ALA A 871 -12.18 14.11 5.96
N ALA A 872 -12.59 12.89 5.64
CA ALA A 872 -14.00 12.56 5.42
C ALA A 872 -14.64 11.82 6.58
N GLY A 873 -13.97 11.75 7.73
CA GLY A 873 -14.51 11.01 8.86
C GLY A 873 -15.29 11.87 9.84
N SER A 874 -14.82 11.92 11.08
CA SER A 874 -15.44 12.74 12.11
C SER A 874 -15.04 14.21 12.01
N GLN A 875 -14.12 14.54 11.13
CA GLN A 875 -13.66 15.91 11.00
C GLN A 875 -14.74 16.82 10.42
N ILE A 876 -15.62 16.30 9.57
CA ILE A 876 -16.78 17.10 9.17
C ILE A 876 -17.67 17.38 10.37
N GLY A 877 -17.79 16.40 11.27
CA GLY A 877 -18.53 16.65 12.50
C GLY A 877 -17.91 17.75 13.34
N MET A 878 -16.58 17.74 13.44
CA MET A 878 -15.89 18.80 14.17
C MET A 878 -16.11 20.16 13.51
N ILE A 879 -16.03 20.20 12.17
CA ILE A 879 -16.18 21.46 11.44
C ILE A 879 -17.60 22.00 11.62
N VAL A 880 -18.60 21.13 11.54
CA VAL A 880 -19.98 21.55 11.74
C VAL A 880 -20.18 22.05 13.15
N ASN A 881 -19.62 21.35 14.14
CA ASN A 881 -19.69 21.80 15.53
C ASN A 881 -19.12 23.20 15.68
N SER A 882 -17.91 23.44 15.14
CA SER A 882 -17.27 24.73 15.29
C SER A 882 -18.05 25.83 14.59
N PHE A 883 -18.49 25.58 13.35
CA PHE A 883 -19.23 26.58 12.61
C PHE A 883 -20.54 26.94 13.30
N THR A 884 -21.27 25.94 13.78
CA THR A 884 -22.52 26.22 14.48
C THR A 884 -22.27 26.99 15.76
N ASN A 885 -21.20 26.63 16.50
CA ASN A 885 -20.88 27.34 17.73
C ASN A 885 -20.62 28.82 17.44
N VAL A 886 -19.75 29.10 16.47
CA VAL A 886 -19.41 30.49 16.16
C VAL A 886 -20.64 31.25 15.67
N THR A 887 -21.45 30.60 14.82
CA THR A 887 -22.64 31.26 14.28
C THR A 887 -23.63 31.62 15.39
N VAL A 888 -23.88 30.68 16.32
CA VAL A 888 -24.79 30.95 17.41
C VAL A 888 -24.25 32.04 18.32
N ALA A 889 -22.94 32.00 18.59
CA ALA A 889 -22.33 33.01 19.45
C ALA A 889 -22.50 34.40 18.86
N MET A 890 -22.22 34.55 17.57
CA MET A 890 -22.36 35.87 16.97
C MET A 890 -23.81 36.27 16.78
N ILE A 891 -24.72 35.29 16.64
CA ILE A 891 -26.14 35.60 16.55
C ILE A 891 -26.63 36.20 17.86
N ILE A 892 -26.23 35.59 18.99
CA ILE A 892 -26.61 36.15 20.28
C ILE A 892 -25.90 37.47 20.54
N ALA A 893 -24.64 37.59 20.11
CA ALA A 893 -23.91 38.83 20.32
C ALA A 893 -24.55 40.00 19.57
N PHE A 894 -25.00 39.76 18.33
CA PHE A 894 -25.60 40.82 17.55
C PHE A 894 -26.97 41.23 18.09
N SER A 895 -27.67 40.31 18.77
CA SER A 895 -29.00 40.62 19.28
C SER A 895 -28.96 41.46 20.55
N PHE A 896 -27.78 41.69 21.14
CA PHE A 896 -27.65 42.51 22.33
C PHE A 896 -27.08 43.89 21.98
N SER A 897 -25.95 43.93 21.28
CA SER A 897 -25.35 45.18 20.82
C SER A 897 -24.66 44.93 19.48
N TRP A 898 -25.25 45.43 18.40
CA TRP A 898 -24.66 45.25 17.08
C TRP A 898 -23.40 46.09 16.92
N LYS A 899 -23.31 47.21 17.63
CA LYS A 899 -22.13 48.07 17.52
C LYS A 899 -20.88 47.34 18.01
N LEU A 900 -20.97 46.66 19.15
CA LEU A 900 -19.83 45.93 19.68
C LEU A 900 -19.53 44.67 18.87
N SER A 901 -20.57 44.01 18.37
CA SER A 901 -20.38 42.74 17.66
C SER A 901 -19.69 42.94 16.33
N LEU A 902 -19.85 44.12 15.70
CA LEU A 902 -19.19 44.37 14.43
C LEU A 902 -17.67 44.35 14.58
N VAL A 903 -17.17 44.79 15.74
CA VAL A 903 -15.74 44.73 16.02
C VAL A 903 -15.25 43.29 16.01
N ILE A 904 -15.99 42.39 16.68
CA ILE A 904 -15.59 41.00 16.74
C ILE A 904 -15.74 40.33 15.38
N LEU A 905 -16.83 40.62 14.67
CA LEU A 905 -17.07 40.02 13.37
C LEU A 905 -16.02 40.44 12.35
N CYS A 906 -15.44 41.63 12.50
CA CYS A 906 -14.44 42.11 11.56
C CYS A 906 -13.17 41.26 11.59
N PHE A 907 -12.86 40.63 12.72
CA PHE A 907 -11.67 39.80 12.83
C PHE A 907 -11.82 38.44 12.18
N PHE A 908 -13.06 37.98 11.96
CA PHE A 908 -13.28 36.65 11.41
C PHE A 908 -12.73 36.45 10.00
N PRO A 909 -12.86 37.39 9.06
CA PRO A 909 -12.26 37.17 7.73
C PRO A 909 -10.77 36.88 7.76
N PHE A 910 -10.10 37.12 8.88
CA PHE A 910 -8.69 36.72 9.00
C PHE A 910 -8.57 35.22 9.16
N LEU A 911 -9.56 34.56 9.77
CA LEU A 911 -9.53 33.11 9.89
C LEU A 911 -9.64 32.44 8.53
N ALA A 912 -10.51 32.97 7.66
CA ALA A 912 -10.64 32.41 6.32
C ALA A 912 -9.37 32.60 5.52
N LEU A 913 -8.70 33.74 5.66
CA LEU A 913 -7.47 33.99 4.91
C LEU A 913 -6.38 33.00 5.30
N SER A 914 -6.17 32.80 6.60
CA SER A 914 -5.10 31.93 7.05
C SER A 914 -5.39 30.47 6.71
N GLY A 915 -6.64 30.03 6.88
CA GLY A 915 -6.98 28.66 6.53
C GLY A 915 -6.82 28.38 5.05
N ALA A 916 -7.32 29.29 4.20
CA ALA A 916 -7.15 29.12 2.77
C ALA A 916 -5.68 29.21 2.37
N THR A 917 -4.93 30.09 3.03
CA THR A 917 -3.51 30.21 2.74
C THR A 917 -2.75 28.95 3.15
N GLN A 918 -3.20 28.28 4.21
CA GLN A 918 -2.55 27.04 4.64
C GLN A 918 -2.65 25.97 3.56
N THR A 919 -3.86 25.70 3.07
CA THR A 919 -4.05 24.68 2.06
C THR A 919 -3.32 25.03 0.77
N ARG A 920 -3.13 26.32 0.52
CA ARG A 920 -2.51 26.74 -0.74
C ARG A 920 -1.02 26.41 -0.77
N MET A 921 -0.30 26.65 0.33
CA MET A 921 1.09 26.23 0.38
C MET A 921 1.26 24.72 0.56
N LEU A 922 0.24 24.03 1.06
CA LEU A 922 0.38 22.62 1.37
C LEU A 922 0.03 21.72 0.21
N THR A 923 -0.85 22.16 -0.69
CA THR A 923 -1.17 21.35 -1.87
C THR A 923 0.03 21.20 -2.78
N GLY A 924 0.86 22.24 -2.89
CA GLY A 924 2.07 22.13 -3.68
C GLY A 924 3.03 21.08 -3.13
N PHE A 925 3.14 21.01 -1.80
CA PHE A 925 3.96 19.97 -1.18
C PHE A 925 3.35 18.59 -1.40
N ALA A 926 2.03 18.47 -1.27
CA ALA A 926 1.38 17.17 -1.37
C ALA A 926 1.48 16.61 -2.79
N SER A 927 1.62 17.49 -3.79
CA SER A 927 1.79 17.02 -5.16
C SER A 927 3.17 16.39 -5.36
N ARG A 928 4.21 17.01 -4.81
CA ARG A 928 5.57 16.49 -4.99
C ARG A 928 5.84 15.27 -4.14
N ASP A 929 5.20 15.16 -2.97
CA ASP A 929 5.47 14.03 -2.07
C ASP A 929 4.87 12.73 -2.59
N LYS A 930 3.73 12.80 -3.27
CA LYS A 930 3.05 11.58 -3.70
C LYS A 930 3.85 10.83 -4.76
N GLN A 931 4.56 11.55 -5.62
CA GLN A 931 5.41 10.89 -6.61
C GLN A 931 6.51 10.07 -5.92
N ALA A 932 7.16 10.67 -4.92
CA ALA A 932 8.19 9.93 -4.17
C ALA A 932 7.59 8.76 -3.43
N LEU A 933 6.41 8.94 -2.83
CA LEU A 933 5.76 7.85 -2.12
C LEU A 933 5.41 6.70 -3.07
N GLU A 934 4.96 7.02 -4.28
CA GLU A 934 4.65 5.98 -5.26
C GLU A 934 5.92 5.26 -5.72
N MET A 935 7.01 6.01 -5.92
CA MET A 935 8.23 5.37 -6.41
C MET A 935 8.87 4.53 -5.31
N VAL A 936 8.67 4.89 -4.04
CA VAL A 936 9.12 4.05 -2.94
C VAL A 936 8.41 2.70 -2.97
N GLY A 937 7.10 2.70 -3.21
CA GLY A 937 6.37 1.46 -3.33
C GLY A 937 6.85 0.58 -4.47
N GLN A 938 7.35 1.21 -5.53
CA GLN A 938 7.94 0.44 -6.63
C GLN A 938 9.19 -0.29 -6.18
N ILE A 939 10.03 0.35 -5.36
CA ILE A 939 11.26 -0.27 -4.90
C ILE A 939 10.96 -1.43 -3.95
N THR A 940 9.99 -1.23 -3.03
CA THR A 940 9.67 -2.29 -2.08
C THR A 940 9.14 -3.53 -2.79
N ASN A 941 8.17 -3.36 -3.69
CA ASN A 941 7.57 -4.50 -4.37
C ASN A 941 8.58 -5.20 -5.26
N GLU A 942 9.41 -4.43 -5.96
CA GLU A 942 10.41 -5.04 -6.85
C GLU A 942 11.42 -5.86 -6.07
N ALA A 943 11.90 -5.34 -4.94
CA ALA A 943 12.92 -6.04 -4.16
C ALA A 943 12.32 -7.23 -3.40
N LEU A 944 11.13 -7.05 -2.82
CA LEU A 944 10.57 -8.09 -1.96
C LEU A 944 10.02 -9.26 -2.77
N SER A 945 9.43 -8.99 -3.94
CA SER A 945 8.91 -10.06 -4.77
C SER A 945 9.98 -10.81 -5.55
N ASN A 946 11.17 -10.21 -5.71
CA ASN A 946 12.29 -10.83 -6.39
C ASN A 946 13.45 -11.06 -5.44
N ILE A 947 13.11 -11.49 -4.21
CA ILE A 947 14.13 -11.66 -3.18
C ILE A 947 15.11 -12.77 -3.54
N ARG A 948 14.64 -13.83 -4.21
CA ARG A 948 15.53 -14.91 -4.62
C ARG A 948 16.59 -14.40 -5.60
N THR A 949 16.16 -13.61 -6.60
CA THR A 949 17.11 -13.04 -7.55
C THR A 949 18.06 -12.07 -6.85
N VAL A 950 17.54 -11.23 -5.95
CA VAL A 950 18.37 -10.26 -5.26
C VAL A 950 19.44 -10.97 -4.43
N ALA A 951 19.04 -12.02 -3.72
CA ALA A 951 20.01 -12.81 -2.95
C ALA A 951 20.98 -13.55 -3.85
N GLY A 952 20.53 -13.94 -5.05
CA GLY A 952 21.43 -14.58 -5.99
C GLY A 952 22.54 -13.65 -6.45
N ILE A 953 22.20 -12.41 -6.77
CA ILE A 953 23.23 -11.45 -7.15
C ILE A 953 23.88 -10.85 -5.91
N GLY A 954 23.17 -10.87 -4.78
CA GLY A 954 23.71 -10.33 -3.55
C GLY A 954 23.77 -8.81 -3.53
N LYS A 955 22.66 -8.17 -3.92
CA LYS A 955 22.58 -6.72 -3.99
C LYS A 955 21.45 -6.22 -3.10
N GLU A 956 21.38 -6.76 -1.88
CA GLU A 956 20.47 -6.23 -0.89
C GLU A 956 20.81 -4.80 -0.52
N ARG A 957 22.11 -4.50 -0.38
CA ARG A 957 22.54 -3.16 -0.01
C ARG A 957 22.17 -2.13 -1.08
N ARG A 958 22.20 -2.54 -2.35
CA ARG A 958 21.83 -1.61 -3.41
C ARG A 958 20.39 -1.16 -3.28
N PHE A 959 19.47 -2.11 -3.05
CA PHE A 959 18.07 -1.75 -2.87
C PHE A 959 17.84 -1.01 -1.57
N ILE A 960 18.58 -1.33 -0.52
CA ILE A 960 18.48 -0.57 0.73
C ILE A 960 18.86 0.89 0.48
N GLU A 961 19.99 1.11 -0.21
CA GLU A 961 20.44 2.48 -0.47
C GLU A 961 19.46 3.21 -1.38
N ALA A 962 18.91 2.53 -2.38
CA ALA A 962 17.94 3.17 -3.26
C ALA A 962 16.70 3.60 -2.48
N LEU A 963 16.17 2.72 -1.64
CA LEU A 963 14.99 3.05 -0.86
C LEU A 963 15.29 4.20 0.11
N GLU A 964 16.47 4.19 0.73
CA GLU A 964 16.82 5.28 1.63
C GLU A 964 16.95 6.61 0.88
N THR A 965 17.59 6.59 -0.28
CA THR A 965 17.78 7.82 -1.05
C THR A 965 16.46 8.37 -1.54
N GLU A 966 15.46 7.53 -1.76
CA GLU A 966 14.16 8.09 -2.14
C GLU A 966 13.28 8.40 -0.94
N LEU A 967 13.57 7.84 0.24
CA LEU A 967 12.79 8.18 1.43
C LEU A 967 13.11 9.58 1.96
N GLU A 968 14.26 10.14 1.57
CA GLU A 968 14.66 11.43 2.10
C GLU A 968 13.93 12.59 1.42
N LYS A 969 13.35 12.34 0.25
CA LYS A 969 12.76 13.44 -0.52
C LYS A 969 11.56 14.09 0.17
N PRO A 970 10.57 13.36 0.68
CA PRO A 970 9.51 14.04 1.46
C PRO A 970 10.00 14.51 2.82
N PHE A 971 11.11 13.98 3.32
CA PHE A 971 11.63 14.38 4.63
C PHE A 971 12.07 15.84 4.66
N LYS A 972 12.61 16.35 3.55
CA LYS A 972 12.99 17.77 3.52
C LYS A 972 11.77 18.68 3.49
N THR A 973 10.69 18.24 2.84
CA THR A 973 9.46 19.03 2.83
C THR A 973 8.72 18.94 4.17
N ALA A 974 8.99 17.88 4.94
CA ALA A 974 8.28 17.68 6.19
C ALA A 974 8.45 18.86 7.15
N ILE A 975 9.67 19.39 7.26
CA ILE A 975 9.92 20.48 8.19
C ILE A 975 9.20 21.75 7.75
N GLN A 976 9.12 21.99 6.44
CA GLN A 976 8.42 23.18 5.95
C GLN A 976 6.92 23.06 6.16
N LYS A 977 6.35 21.86 5.94
CA LYS A 977 4.95 21.67 6.29
C LYS A 977 4.73 21.84 7.78
N ALA A 978 5.66 21.39 8.60
CA ALA A 978 5.55 21.58 10.05
C ALA A 978 5.52 23.06 10.41
N ASN A 979 6.42 23.85 9.81
CA ASN A 979 6.44 25.29 10.09
C ASN A 979 5.14 25.96 9.65
N ILE A 980 4.65 25.63 8.45
CA ILE A 980 3.42 26.26 7.95
C ILE A 980 2.24 25.89 8.84
N TYR A 981 2.10 24.60 9.18
CA TYR A 981 1.00 24.16 10.01
C TYR A 981 1.06 24.80 11.40
N GLY A 982 2.25 24.85 12.00
CA GLY A 982 2.38 25.47 13.30
C GLY A 982 2.03 26.94 13.29
N PHE A 983 2.50 27.67 12.28
CA PHE A 983 2.19 29.09 12.21
C PHE A 983 0.71 29.35 12.03
N CYS A 984 0.05 28.59 11.14
CA CYS A 984 -1.38 28.82 10.93
C CYS A 984 -2.18 28.47 12.18
N PHE A 985 -1.83 27.35 12.82
CA PHE A 985 -2.53 26.95 14.04
C PHE A 985 -2.37 27.98 15.13
N ALA A 986 -1.17 28.53 15.30
CA ALA A 986 -0.94 29.56 16.31
C ALA A 986 -1.69 30.84 15.96
N PHE A 987 -1.65 31.24 14.68
CA PHE A 987 -2.23 32.50 14.26
C PHE A 987 -3.74 32.50 14.44
N ALA A 988 -4.40 31.34 14.27
CA ALA A 988 -5.84 31.29 14.51
C ALA A 988 -6.17 31.69 15.95
N GLN A 989 -5.51 31.07 16.93
CA GLN A 989 -5.78 31.40 18.33
C GLN A 989 -5.37 32.82 18.65
N CYS A 990 -4.27 33.29 18.06
CA CYS A 990 -3.85 34.67 18.28
C CYS A 990 -4.92 35.65 17.82
N ILE A 991 -5.51 35.40 16.65
CA ILE A 991 -6.59 36.25 16.16
C ILE A 991 -7.80 36.17 17.08
N MET A 992 -8.12 34.97 17.56
CA MET A 992 -9.25 34.83 18.48
C MET A 992 -9.07 35.68 19.73
N PHE A 993 -7.85 35.71 20.29
CA PHE A 993 -7.63 36.49 21.51
C PHE A 993 -7.54 37.99 21.23
N ILE A 994 -6.98 38.36 20.08
CA ILE A 994 -6.91 39.78 19.71
C ILE A 994 -8.32 40.33 19.50
N ALA A 995 -9.23 39.51 18.98
CA ALA A 995 -10.62 39.94 18.86
C ALA A 995 -11.21 40.32 20.20
N ASN A 996 -10.95 39.51 21.24
CA ASN A 996 -11.46 39.82 22.57
C ASN A 996 -10.78 41.05 23.17
N SER A 997 -9.49 41.23 22.91
CA SER A 997 -8.81 42.44 23.37
C SER A 997 -9.46 43.69 22.77
N ALA A 998 -9.70 43.67 21.46
CA ALA A 998 -10.34 44.80 20.80
C ALA A 998 -11.75 45.00 21.32
N SER A 999 -12.48 43.91 21.56
CA SER A 999 -13.84 44.02 22.10
C SER A 999 -13.83 44.66 23.48
N TYR A 1000 -12.87 44.30 24.33
CA TYR A 1000 -12.77 44.90 25.65
C TYR A 1000 -12.47 46.38 25.56
N ARG A 1001 -11.55 46.77 24.68
CA ARG A 1001 -11.25 48.20 24.51
C ARG A 1001 -12.48 48.97 24.02
N TYR A 1002 -13.20 48.41 23.06
CA TYR A 1002 -14.38 49.10 22.53
C TYR A 1002 -15.48 49.19 23.58
N GLY A 1003 -15.64 48.15 24.40
CA GLY A 1003 -16.59 48.24 25.50
C GLY A 1003 -16.19 49.27 26.54
N GLY A 1004 -14.88 49.40 26.78
CA GLY A 1004 -14.40 50.46 27.68
C GLY A 1004 -14.74 51.84 27.16
N TYR A 1005 -14.63 52.02 25.84
CA TYR A 1005 -15.10 53.27 25.25
C TYR A 1005 -16.60 53.44 25.40
N LEU A 1006 -17.36 52.37 25.13
CA LEU A 1006 -18.82 52.49 25.01
C LEU A 1006 -19.48 52.75 26.35
N ILE A 1007 -19.08 52.02 27.39
CA ILE A 1007 -19.78 52.11 28.68
C ILE A 1007 -19.61 53.51 29.27
N SER A 1008 -18.39 54.03 29.23
CA SER A 1008 -18.10 55.31 29.87
C SER A 1008 -18.73 56.46 29.10
N ASN A 1009 -18.57 56.48 27.77
CA ASN A 1009 -18.98 57.64 26.99
C ASN A 1009 -20.49 57.67 26.78
N GLU A 1010 -21.02 56.70 26.03
CA GLU A 1010 -22.41 56.69 25.59
C GLU A 1010 -23.01 55.33 25.97
N GLY A 1011 -23.53 55.22 27.18
CA GLY A 1011 -24.09 53.96 27.62
C GLY A 1011 -24.81 54.07 28.94
N LEU A 1012 -25.94 53.39 29.04
CA LEU A 1012 -26.68 53.23 30.29
C LEU A 1012 -27.14 51.78 30.39
N HIS A 1013 -26.95 51.17 31.55
CA HIS A 1013 -27.20 49.75 31.81
C HIS A 1013 -26.41 48.84 30.87
N PHE A 1014 -25.48 49.40 30.09
CA PHE A 1014 -24.71 48.61 29.12
C PHE A 1014 -23.80 47.60 29.79
N SER A 1015 -23.57 47.71 31.09
CA SER A 1015 -22.65 46.81 31.76
C SER A 1015 -23.14 45.36 31.66
N TYR A 1016 -24.44 45.15 31.78
CA TYR A 1016 -24.97 43.79 31.65
C TYR A 1016 -24.88 43.29 30.22
N VAL A 1017 -25.17 44.16 29.24
CA VAL A 1017 -25.07 43.77 27.84
C VAL A 1017 -23.66 43.33 27.50
N PHE A 1018 -22.67 44.12 27.92
CA PHE A 1018 -21.29 43.74 27.68
C PHE A 1018 -20.92 42.47 28.43
N ARG A 1019 -21.48 42.28 29.64
CA ARG A 1019 -21.20 41.07 30.40
C ARG A 1019 -21.66 39.82 29.65
N VAL A 1020 -22.90 39.83 29.17
CA VAL A 1020 -23.43 38.64 28.49
C VAL A 1020 -22.73 38.43 27.15
N ILE A 1021 -22.46 39.51 26.42
CA ILE A 1021 -21.76 39.38 25.14
C ILE A 1021 -20.36 38.82 25.35
N SER A 1022 -19.65 39.33 26.35
CA SER A 1022 -18.32 38.81 26.65
C SER A 1022 -18.39 37.36 27.08
N ALA A 1023 -19.44 36.98 27.82
CA ALA A 1023 -19.58 35.59 28.24
C ALA A 1023 -19.72 34.66 27.04
N VAL A 1024 -20.60 35.00 26.10
CA VAL A 1024 -20.83 34.11 24.96
C VAL A 1024 -19.61 34.09 24.04
N VAL A 1025 -18.99 35.24 23.82
CA VAL A 1025 -17.79 35.27 22.97
C VAL A 1025 -16.65 34.51 23.63
N LEU A 1026 -16.53 34.60 24.96
CA LEU A 1026 -15.52 33.84 25.67
C LEU A 1026 -15.74 32.35 25.53
N SER A 1027 -16.98 31.89 25.69
CA SER A 1027 -17.25 30.48 25.58
C SER A 1027 -17.14 29.95 24.16
N ALA A 1028 -17.21 30.83 23.15
CA ALA A 1028 -16.99 30.42 21.77
C ALA A 1028 -15.54 30.61 21.30
N THR A 1029 -14.56 30.45 22.20
CA THR A 1029 -13.17 30.67 21.82
C THR A 1029 -12.46 29.37 21.49
N ALA A 1030 -12.71 28.32 22.28
CA ALA A 1030 -11.90 27.10 22.18
C ALA A 1030 -12.23 26.31 20.92
N LEU A 1031 -13.50 26.28 20.52
CA LEU A 1031 -13.91 25.41 19.42
C LEU A 1031 -13.37 25.88 18.07
N GLY A 1032 -12.76 27.06 17.99
CA GLY A 1032 -12.12 27.48 16.75
C GLY A 1032 -10.87 26.71 16.37
N ARG A 1033 -10.60 25.58 17.04
CA ARG A 1033 -9.45 24.73 16.75
C ARG A 1033 -9.67 23.81 15.58
N ALA A 1034 -10.65 24.10 14.70
CA ALA A 1034 -10.84 23.31 13.50
C ALA A 1034 -9.70 23.48 12.51
N PHE A 1035 -8.75 24.36 12.79
CA PHE A 1035 -7.56 24.52 11.95
C PHE A 1035 -6.64 23.30 11.98
N SER A 1036 -6.83 22.40 12.94
CA SER A 1036 -6.02 21.17 12.99
C SER A 1036 -6.54 20.11 12.03
N TYR A 1037 -7.74 20.30 11.46
CA TYR A 1037 -8.23 19.39 10.43
C TYR A 1037 -7.58 19.67 9.08
N THR A 1038 -7.16 20.91 8.86
CA THR A 1038 -6.64 21.41 7.59
C THR A 1038 -5.41 20.68 7.03
N PRO A 1039 -4.38 20.33 7.85
CA PRO A 1039 -3.13 19.85 7.23
C PRO A 1039 -3.28 18.58 6.41
N SER A 1040 -4.34 17.81 6.67
CA SER A 1040 -4.67 16.65 5.85
C SER A 1040 -5.62 16.98 4.71
N TYR A 1041 -6.16 18.21 4.66
CA TYR A 1041 -7.07 18.58 3.59
C TYR A 1041 -6.35 18.65 2.25
N ALA A 1042 -5.09 19.12 2.26
CA ALA A 1042 -4.31 19.19 1.02
C ALA A 1042 -4.07 17.81 0.44
N LYS A 1043 -3.84 16.82 1.31
CA LYS A 1043 -3.64 15.45 0.86
C LYS A 1043 -4.91 14.89 0.22
N ALA A 1044 -6.06 15.14 0.87
CA ALA A 1044 -7.31 14.57 0.40
C ALA A 1044 -7.70 15.11 -0.96
N LYS A 1045 -7.44 16.40 -1.22
CA LYS A 1045 -7.77 16.97 -2.53
C LYS A 1045 -6.97 16.32 -3.64
N ILE A 1046 -5.67 16.12 -3.45
CA ILE A 1046 -4.84 15.47 -4.45
C ILE A 1046 -5.27 14.03 -4.65
N SER A 1047 -5.55 13.32 -3.55
CA SER A 1047 -6.00 11.94 -3.66
C SER A 1047 -7.31 11.83 -4.42
N ALA A 1048 -8.26 12.72 -4.14
CA ALA A 1048 -9.53 12.70 -4.86
C ALA A 1048 -9.35 13.03 -6.33
N ALA A 1049 -8.49 14.01 -6.65
CA ALA A 1049 -8.24 14.34 -8.04
C ALA A 1049 -7.67 13.15 -8.79
N ARG A 1050 -6.70 12.46 -8.18
CA ARG A 1050 -6.11 11.29 -8.83
C ARG A 1050 -7.12 10.14 -8.94
N PHE A 1051 -7.97 9.96 -7.93
CA PHE A 1051 -8.99 8.91 -8.01
C PHE A 1051 -9.97 9.17 -9.13
N PHE A 1052 -10.36 10.42 -9.33
CA PHE A 1052 -11.33 10.73 -10.37
C PHE A 1052 -10.71 10.83 -11.76
N GLN A 1053 -9.40 11.07 -11.85
CA GLN A 1053 -8.75 11.00 -13.16
C GLN A 1053 -8.74 9.57 -13.69
N LEU A 1054 -8.49 8.59 -12.82
CA LEU A 1054 -8.49 7.20 -13.24
C LEU A 1054 -9.89 6.69 -13.50
N LEU A 1055 -10.85 7.09 -12.67
CA LEU A 1055 -12.24 6.64 -12.80
C LEU A 1055 -12.91 7.15 -14.06
N ASP A 1056 -12.34 8.15 -14.73
CA ASP A 1056 -12.94 8.73 -15.93
C ASP A 1056 -12.22 8.31 -17.21
N ARG A 1057 -11.08 7.64 -17.11
CA ARG A 1057 -10.31 7.28 -18.30
C ARG A 1057 -11.09 6.31 -19.18
N GLN A 1058 -10.95 6.49 -20.49
CA GLN A 1058 -11.60 5.63 -21.48
C GLN A 1058 -10.54 4.85 -22.24
N PRO A 1059 -10.35 3.56 -21.93
CA PRO A 1059 -9.30 2.80 -22.63
C PRO A 1059 -9.69 2.53 -24.07
N PRO A 1060 -8.73 2.47 -24.98
CA PRO A 1060 -9.06 2.13 -26.38
C PRO A 1060 -9.68 0.76 -26.54
N ILE A 1061 -9.27 -0.21 -25.74
CA ILE A 1061 -9.86 -1.55 -25.74
C ILE A 1061 -10.52 -1.73 -24.38
N SER A 1062 -11.84 -1.61 -24.35
CA SER A 1062 -12.59 -1.64 -23.10
C SER A 1062 -13.18 -3.04 -22.91
N VAL A 1063 -12.62 -3.79 -21.95
CA VAL A 1063 -13.19 -5.07 -21.58
C VAL A 1063 -14.56 -4.94 -20.93
N TYR A 1064 -14.88 -3.76 -20.39
CA TYR A 1064 -16.17 -3.52 -19.76
C TYR A 1064 -17.23 -3.07 -20.76
N ASN A 1065 -16.86 -2.85 -22.01
CA ASN A 1065 -17.80 -2.40 -23.03
C ASN A 1065 -18.65 -3.57 -23.51
N THR A 1066 -19.97 -3.41 -23.44
CA THR A 1066 -20.90 -4.45 -23.86
C THR A 1066 -21.23 -4.40 -25.35
N ALA A 1067 -20.68 -3.43 -26.08
CA ALA A 1067 -20.96 -3.28 -27.50
C ALA A 1067 -19.89 -3.99 -28.32
N GLY A 1068 -20.31 -4.71 -29.35
CA GLY A 1068 -19.42 -5.45 -30.21
C GLY A 1068 -20.15 -6.63 -30.82
N GLU A 1069 -19.64 -7.09 -31.96
CA GLU A 1069 -20.28 -8.18 -32.68
C GLU A 1069 -20.13 -9.49 -31.92
N LYS A 1070 -21.23 -10.26 -31.83
CA LYS A 1070 -21.24 -11.57 -31.20
C LYS A 1070 -22.10 -12.48 -32.05
N TRP A 1071 -21.47 -13.44 -32.73
CA TRP A 1071 -22.20 -14.39 -33.56
C TRP A 1071 -22.42 -15.70 -32.80
N ASP A 1072 -23.48 -16.41 -33.20
CA ASP A 1072 -23.91 -17.59 -32.46
C ASP A 1072 -22.93 -18.74 -32.61
N ASN A 1073 -22.51 -19.04 -33.84
CA ASN A 1073 -21.68 -20.21 -34.12
C ASN A 1073 -20.24 -19.77 -34.31
N PHE A 1074 -19.40 -20.07 -33.33
CA PHE A 1074 -17.98 -19.77 -33.43
C PHE A 1074 -17.22 -20.94 -34.04
N GLN A 1075 -16.41 -20.65 -35.05
CA GLN A 1075 -15.71 -21.70 -35.78
C GLN A 1075 -14.19 -21.60 -35.67
N GLY A 1076 -13.64 -20.51 -35.15
CA GLY A 1076 -12.20 -20.38 -35.01
C GLY A 1076 -11.42 -20.29 -36.29
N LYS A 1077 -11.89 -19.49 -37.26
CA LYS A 1077 -11.12 -19.18 -38.45
C LYS A 1077 -10.29 -17.92 -38.21
N ILE A 1078 -9.00 -17.99 -38.50
CA ILE A 1078 -8.07 -16.91 -38.20
C ILE A 1078 -7.40 -16.48 -39.49
N ASP A 1079 -7.38 -15.16 -39.73
CA ASP A 1079 -6.68 -14.59 -40.89
C ASP A 1079 -5.86 -13.39 -40.43
N PHE A 1080 -4.61 -13.35 -40.88
CA PHE A 1080 -3.75 -12.18 -40.74
C PHE A 1080 -3.60 -11.55 -42.12
N VAL A 1081 -3.96 -10.28 -42.24
CA VAL A 1081 -4.00 -9.58 -43.54
C VAL A 1081 -3.09 -8.37 -43.41
N ASP A 1082 -1.82 -8.54 -43.76
CA ASP A 1082 -0.84 -7.45 -43.79
C ASP A 1082 -0.85 -6.68 -42.47
N CYS A 1083 -0.44 -7.38 -41.41
CA CYS A 1083 -0.51 -6.80 -40.07
C CYS A 1083 0.78 -6.07 -39.74
N LYS A 1084 0.65 -4.81 -39.31
CA LYS A 1084 1.77 -4.00 -38.88
C LYS A 1084 1.49 -3.47 -37.48
N PHE A 1085 2.45 -3.65 -36.58
CA PHE A 1085 2.24 -3.30 -35.19
C PHE A 1085 3.51 -2.75 -34.58
N THR A 1086 3.36 -1.76 -33.70
CA THR A 1086 4.45 -1.21 -32.91
C THR A 1086 3.99 -1.08 -31.47
N TYR A 1087 4.83 -1.49 -30.54
CA TYR A 1087 4.49 -1.39 -29.12
C TYR A 1087 4.48 0.08 -28.70
N PRO A 1088 3.45 0.54 -28.00
CA PRO A 1088 3.42 1.96 -27.59
C PRO A 1088 4.60 2.38 -26.73
N SER A 1089 5.12 1.46 -25.91
CA SER A 1089 6.22 1.81 -25.02
C SER A 1089 7.54 1.93 -25.77
N ARG A 1090 7.65 1.29 -26.93
CA ARG A 1090 8.84 1.38 -27.78
C ARG A 1090 8.38 1.70 -29.20
N PRO A 1091 8.11 2.96 -29.50
CA PRO A 1091 7.53 3.34 -30.81
C PRO A 1091 8.55 3.64 -31.91
N ASP A 1092 9.83 3.34 -31.72
CA ASP A 1092 10.84 3.59 -32.72
C ASP A 1092 11.23 2.35 -33.52
N SER A 1093 10.52 1.25 -33.32
CA SER A 1093 10.80 0.02 -34.06
C SER A 1093 9.55 -0.84 -34.05
N GLN A 1094 9.02 -1.15 -35.22
CA GLN A 1094 7.84 -2.00 -35.34
C GLN A 1094 8.26 -3.46 -35.41
N VAL A 1095 7.48 -4.32 -34.76
CA VAL A 1095 7.87 -5.71 -34.61
C VAL A 1095 7.17 -6.62 -35.62
N LEU A 1096 6.13 -6.13 -36.28
CA LEU A 1096 5.40 -6.88 -37.29
C LEU A 1096 5.44 -6.05 -38.58
N ASN A 1097 6.38 -6.36 -39.46
CA ASN A 1097 6.56 -5.60 -40.70
C ASN A 1097 5.77 -6.23 -41.84
N GLY A 1098 4.50 -6.49 -41.58
CA GLY A 1098 3.64 -7.12 -42.56
C GLY A 1098 3.56 -8.61 -42.35
N LEU A 1099 2.45 -9.09 -41.80
CA LEU A 1099 2.27 -10.50 -41.47
C LEU A 1099 0.96 -10.99 -42.08
N SER A 1100 1.07 -11.97 -42.97
CA SER A 1100 -0.10 -12.52 -43.66
C SER A 1100 -0.09 -14.03 -43.52
N VAL A 1101 -1.09 -14.58 -42.84
CA VAL A 1101 -1.24 -16.01 -42.68
C VAL A 1101 -2.72 -16.32 -42.41
N SER A 1102 -3.13 -17.54 -42.73
CA SER A 1102 -4.51 -17.97 -42.58
C SER A 1102 -4.55 -19.38 -42.01
N ILE A 1103 -5.43 -19.60 -41.04
CA ILE A 1103 -5.63 -20.92 -40.45
C ILE A 1103 -7.11 -21.27 -40.59
N SER A 1104 -7.38 -22.40 -41.23
CA SER A 1104 -8.74 -22.86 -41.40
C SER A 1104 -9.23 -23.56 -40.13
N PRO A 1105 -10.54 -23.57 -39.88
CA PRO A 1105 -11.06 -24.22 -38.67
C PRO A 1105 -10.67 -25.69 -38.62
N GLY A 1106 -10.18 -26.11 -37.46
CA GLY A 1106 -9.71 -27.48 -37.27
C GLY A 1106 -8.26 -27.71 -37.59
N GLN A 1107 -7.56 -26.72 -38.15
CA GLN A 1107 -6.16 -26.85 -38.51
C GLN A 1107 -5.27 -26.41 -37.35
N THR A 1108 -3.98 -26.69 -37.50
CA THR A 1108 -2.97 -26.32 -36.51
C THR A 1108 -1.83 -25.60 -37.23
N LEU A 1109 -1.47 -24.43 -36.73
CA LEU A 1109 -0.36 -23.65 -37.27
C LEU A 1109 0.77 -23.61 -36.25
N ALA A 1110 1.98 -23.87 -36.70
CA ALA A 1110 3.16 -23.92 -35.84
C ALA A 1110 4.05 -22.72 -36.19
N PHE A 1111 4.09 -21.74 -35.30
CA PHE A 1111 4.97 -20.59 -35.49
C PHE A 1111 6.38 -20.93 -35.05
N VAL A 1112 7.33 -20.77 -35.97
CA VAL A 1112 8.74 -21.10 -35.72
C VAL A 1112 9.59 -19.94 -36.23
N GLY A 1113 10.69 -19.68 -35.55
CA GLY A 1113 11.58 -18.62 -36.00
C GLY A 1113 12.64 -18.34 -34.95
N SER A 1114 13.36 -17.24 -35.17
CA SER A 1114 14.39 -16.81 -34.25
C SER A 1114 13.75 -16.20 -33.00
N SER A 1115 14.56 -16.09 -31.95
CA SER A 1115 14.09 -15.53 -30.69
C SER A 1115 13.90 -14.02 -30.83
N GLY A 1116 12.70 -13.55 -30.53
CA GLY A 1116 12.40 -12.14 -30.62
C GLY A 1116 11.89 -11.67 -31.96
N CYS A 1117 11.35 -12.57 -32.78
CA CYS A 1117 10.87 -12.20 -34.11
C CYS A 1117 9.39 -11.82 -34.12
N GLY A 1118 8.71 -11.88 -32.98
CA GLY A 1118 7.34 -11.43 -32.89
C GLY A 1118 6.28 -12.50 -32.81
N LYS A 1119 6.64 -13.74 -32.46
CA LYS A 1119 5.66 -14.82 -32.38
C LYS A 1119 4.65 -14.56 -31.25
N SER A 1120 5.13 -14.11 -30.09
CA SER A 1120 4.21 -13.83 -28.99
C SER A 1120 3.38 -12.58 -29.26
N THR A 1121 3.92 -11.63 -30.04
CA THR A 1121 3.17 -10.42 -30.36
C THR A 1121 1.91 -10.75 -31.16
N SER A 1122 2.02 -11.67 -32.11
CA SER A 1122 0.87 -12.06 -32.91
C SER A 1122 -0.22 -12.66 -32.04
N ILE A 1123 0.16 -13.48 -31.05
CA ILE A 1123 -0.81 -14.09 -30.16
C ILE A 1123 -1.56 -13.04 -29.35
N GLN A 1124 -0.84 -11.99 -28.90
CA GLN A 1124 -1.50 -10.95 -28.10
C GLN A 1124 -2.49 -10.14 -28.93
N LEU A 1125 -2.34 -10.14 -30.26
CA LEU A 1125 -3.32 -9.46 -31.11
C LEU A 1125 -4.65 -10.21 -31.12
N LEU A 1126 -4.61 -11.54 -31.14
CA LEU A 1126 -5.85 -12.32 -31.12
C LEU A 1126 -6.60 -12.14 -29.80
N GLU A 1127 -5.88 -12.13 -28.68
CA GLU A 1127 -6.50 -11.89 -27.39
C GLU A 1127 -6.99 -10.46 -27.22
N ARG A 1128 -6.64 -9.57 -28.16
CA ARG A 1128 -6.96 -8.15 -28.13
C ARG A 1128 -6.30 -7.42 -26.97
N PHE A 1129 -5.14 -7.89 -26.53
CA PHE A 1129 -4.33 -7.07 -25.63
C PHE A 1129 -3.88 -5.80 -26.33
N TYR A 1130 -3.55 -5.91 -27.62
CA TYR A 1130 -3.20 -4.78 -28.46
C TYR A 1130 -4.00 -4.86 -29.75
N ASP A 1131 -4.11 -3.74 -30.45
CA ASP A 1131 -4.70 -3.74 -31.77
C ASP A 1131 -3.65 -3.42 -32.82
N PRO A 1132 -3.74 -4.04 -34.01
CA PRO A 1132 -2.77 -3.73 -35.06
C PRO A 1132 -2.89 -2.28 -35.51
N ASP A 1133 -1.76 -1.71 -35.91
CA ASP A 1133 -1.75 -0.32 -36.37
C ASP A 1133 -2.27 -0.22 -37.79
N GLN A 1134 -1.58 -0.85 -38.74
CA GLN A 1134 -1.99 -0.90 -40.13
C GLN A 1134 -2.25 -2.36 -40.49
N GLY A 1135 -3.47 -2.66 -40.90
CA GLY A 1135 -3.88 -4.00 -41.23
C GLY A 1135 -5.08 -4.41 -40.43
N LYS A 1136 -5.37 -5.71 -40.41
CA LYS A 1136 -6.51 -6.22 -39.69
C LYS A 1136 -6.28 -7.68 -39.35
N VAL A 1137 -6.89 -8.13 -38.24
CA VAL A 1137 -6.93 -9.53 -37.86
C VAL A 1137 -8.39 -9.98 -37.93
N MET A 1138 -8.65 -11.02 -38.70
CA MET A 1138 -10.01 -11.46 -38.99
C MET A 1138 -10.31 -12.76 -38.26
N ILE A 1139 -11.40 -12.76 -37.50
CA ILE A 1139 -11.88 -13.96 -36.81
C ILE A 1139 -13.26 -14.28 -37.38
N ASP A 1140 -13.36 -15.40 -38.10
CA ASP A 1140 -14.60 -15.80 -38.77
C ASP A 1140 -15.11 -14.70 -39.69
N GLY A 1141 -14.19 -14.05 -40.39
CA GLY A 1141 -14.55 -12.99 -41.31
C GLY A 1141 -14.89 -11.67 -40.66
N HIS A 1142 -14.58 -11.48 -39.39
CA HIS A 1142 -14.90 -10.27 -38.65
C HIS A 1142 -13.62 -9.57 -38.23
N ASP A 1143 -13.55 -8.26 -38.46
CA ASP A 1143 -12.41 -7.49 -37.97
C ASP A 1143 -12.38 -7.52 -36.44
N SER A 1144 -11.19 -7.76 -35.90
CA SER A 1144 -11.07 -7.96 -34.46
C SER A 1144 -11.41 -6.70 -33.67
N LYS A 1145 -11.25 -5.52 -34.29
CA LYS A 1145 -11.54 -4.28 -33.60
C LYS A 1145 -13.04 -4.06 -33.37
N LYS A 1146 -13.89 -4.81 -34.06
CA LYS A 1146 -15.33 -4.68 -33.90
C LYS A 1146 -15.96 -5.84 -33.14
N VAL A 1147 -15.18 -6.83 -32.73
CA VAL A 1147 -15.67 -7.99 -32.00
C VAL A 1147 -15.63 -7.70 -30.52
N ASN A 1148 -16.66 -8.15 -29.80
CA ASN A 1148 -16.70 -7.98 -28.35
C ASN A 1148 -15.49 -8.62 -27.70
N VAL A 1149 -14.84 -7.89 -26.79
CA VAL A 1149 -13.63 -8.38 -26.15
C VAL A 1149 -13.93 -9.60 -25.29
N GLN A 1150 -15.00 -9.52 -24.48
CA GLN A 1150 -15.35 -10.65 -23.62
C GLN A 1150 -15.75 -11.87 -24.44
N PHE A 1151 -16.53 -11.68 -25.49
CA PHE A 1151 -16.92 -12.80 -26.35
C PHE A 1151 -15.72 -13.42 -27.03
N LEU A 1152 -14.80 -12.60 -27.53
CA LEU A 1152 -13.60 -13.12 -28.18
C LEU A 1152 -12.74 -13.89 -27.21
N ARG A 1153 -12.56 -13.38 -25.99
CA ARG A 1153 -11.70 -14.05 -25.02
C ARG A 1153 -12.33 -15.30 -24.42
N SER A 1154 -13.66 -15.39 -24.39
CA SER A 1154 -14.31 -16.57 -23.84
C SER A 1154 -14.15 -17.80 -24.72
N ASN A 1155 -13.76 -17.63 -25.99
CA ASN A 1155 -13.60 -18.73 -26.93
C ASN A 1155 -12.12 -19.09 -27.16
N ILE A 1156 -11.20 -18.52 -26.39
CA ILE A 1156 -9.78 -18.75 -26.57
C ILE A 1156 -9.18 -19.26 -25.27
N GLY A 1157 -8.42 -20.35 -25.37
CA GLY A 1157 -7.65 -20.85 -24.25
C GLY A 1157 -6.17 -20.74 -24.53
N ILE A 1158 -5.43 -20.08 -23.64
CA ILE A 1158 -4.04 -19.71 -23.89
C ILE A 1158 -3.16 -20.25 -22.77
N VAL A 1159 -2.00 -20.78 -23.15
CA VAL A 1159 -0.93 -21.11 -22.23
C VAL A 1159 0.19 -20.11 -22.48
N SER A 1160 0.45 -19.26 -21.49
CA SER A 1160 1.43 -18.20 -21.66
C SER A 1160 2.84 -18.79 -21.75
N GLN A 1161 3.79 -17.95 -22.17
CA GLN A 1161 5.16 -18.40 -22.36
C GLN A 1161 5.76 -18.91 -21.06
N GLU A 1162 5.70 -18.08 -20.01
CA GLU A 1162 6.09 -18.48 -18.67
C GLU A 1162 4.88 -18.24 -17.77
N PRO A 1163 4.03 -19.24 -17.58
CA PRO A 1163 2.75 -19.01 -16.91
C PRO A 1163 2.93 -18.65 -15.44
N VAL A 1164 1.96 -17.92 -14.92
CA VAL A 1164 1.94 -17.48 -13.53
C VAL A 1164 0.65 -17.97 -12.89
N LEU A 1165 0.76 -18.53 -11.69
CA LEU A 1165 -0.38 -19.04 -10.94
C LEU A 1165 -0.77 -18.05 -9.85
N PHE A 1166 -1.90 -18.31 -9.23
CA PHE A 1166 -2.37 -17.52 -8.09
C PHE A 1166 -2.13 -18.28 -6.79
N ALA A 1167 -1.88 -17.52 -5.72
CA ALA A 1167 -1.53 -18.10 -4.43
C ALA A 1167 -2.78 -18.74 -3.82
N CYS A 1168 -3.16 -19.89 -4.36
CA CYS A 1168 -4.32 -20.62 -3.92
C CYS A 1168 -4.04 -22.11 -4.10
N SER A 1169 -5.09 -22.92 -3.99
CA SER A 1169 -4.94 -24.36 -4.14
C SER A 1169 -4.76 -24.71 -5.62
N ILE A 1170 -4.34 -25.95 -5.87
CA ILE A 1170 -4.20 -26.44 -7.24
C ILE A 1170 -5.55 -26.52 -7.91
N MET A 1171 -6.57 -26.98 -7.19
CA MET A 1171 -7.91 -27.07 -7.76
C MET A 1171 -8.45 -25.70 -8.13
N ASP A 1172 -8.11 -24.66 -7.35
CA ASP A 1172 -8.57 -23.32 -7.66
C ASP A 1172 -7.80 -22.73 -8.83
N ASN A 1173 -6.53 -23.10 -8.99
CA ASN A 1173 -5.77 -22.64 -10.14
C ASN A 1173 -6.26 -23.29 -11.44
N ILE A 1174 -6.67 -24.56 -11.36
CA ILE A 1174 -7.28 -25.20 -12.53
C ILE A 1174 -8.66 -24.63 -12.81
N LYS A 1175 -9.47 -24.40 -11.77
CA LYS A 1175 -10.83 -23.90 -11.93
C LYS A 1175 -10.89 -22.47 -12.43
N TYR A 1176 -9.77 -21.75 -12.44
CA TYR A 1176 -9.70 -20.43 -13.04
C TYR A 1176 -9.82 -20.47 -14.56
N GLY A 1177 -9.72 -21.65 -15.16
CA GLY A 1177 -9.79 -21.74 -16.61
C GLY A 1177 -11.14 -21.36 -17.18
N ASP A 1178 -12.20 -21.52 -16.38
CA ASP A 1178 -13.55 -21.13 -16.78
C ASP A 1178 -14.23 -20.47 -15.59
N ASN A 1179 -14.13 -19.15 -15.52
CA ASN A 1179 -14.88 -18.39 -14.54
C ASN A 1179 -16.35 -18.31 -14.97
N THR A 1180 -17.13 -17.57 -14.19
CA THR A 1180 -18.56 -17.31 -14.38
C THR A 1180 -19.40 -18.57 -14.23
N LYS A 1181 -18.80 -19.72 -13.95
CA LYS A 1181 -19.55 -20.95 -13.75
C LYS A 1181 -18.71 -21.88 -12.87
N GLU A 1182 -19.39 -22.79 -12.19
CA GLU A 1182 -18.75 -23.71 -11.26
C GLU A 1182 -18.42 -25.00 -12.00
N ILE A 1183 -17.12 -25.27 -12.16
CA ILE A 1183 -16.67 -26.51 -12.80
C ILE A 1183 -16.73 -27.64 -11.79
N PRO A 1184 -17.42 -28.74 -12.09
CA PRO A 1184 -17.38 -29.89 -11.17
C PRO A 1184 -16.00 -30.49 -11.08
N MET A 1185 -15.74 -31.13 -9.94
CA MET A 1185 -14.43 -31.73 -9.68
C MET A 1185 -14.07 -32.82 -10.68
N GLU A 1186 -15.06 -33.49 -11.27
CA GLU A 1186 -14.76 -34.53 -12.25
C GLU A 1186 -14.04 -33.96 -13.47
N ARG A 1187 -14.49 -32.80 -13.95
CA ARG A 1187 -13.82 -32.17 -15.09
C ARG A 1187 -12.42 -31.70 -14.72
N VAL A 1188 -12.23 -31.20 -13.50
CA VAL A 1188 -10.91 -30.80 -13.04
C VAL A 1188 -9.98 -32.01 -13.01
N ILE A 1189 -10.47 -33.14 -12.51
CA ILE A 1189 -9.64 -34.35 -12.45
C ILE A 1189 -9.32 -34.85 -13.85
N ALA A 1190 -10.28 -34.78 -14.77
CA ALA A 1190 -10.02 -35.19 -16.15
C ALA A 1190 -8.97 -34.31 -16.80
N ALA A 1191 -9.06 -32.99 -16.58
CA ALA A 1191 -8.05 -32.07 -17.13
C ALA A 1191 -6.68 -32.34 -16.54
N ALA A 1192 -6.62 -32.60 -15.23
CA ALA A 1192 -5.34 -32.90 -14.59
C ALA A 1192 -4.75 -34.20 -15.11
N LYS A 1193 -5.59 -35.21 -15.35
CA LYS A 1193 -5.13 -36.46 -15.94
C LYS A 1193 -4.59 -36.22 -17.35
N GLN A 1194 -5.27 -35.37 -18.12
CA GLN A 1194 -4.82 -35.08 -19.48
C GLN A 1194 -3.44 -34.44 -19.49
N ALA A 1195 -3.19 -33.51 -18.56
CA ALA A 1195 -1.91 -32.81 -18.51
C ALA A 1195 -0.82 -33.63 -17.83
N GLN A 1196 -1.07 -34.90 -17.53
CA GLN A 1196 -0.12 -35.75 -16.81
C GLN A 1196 0.25 -35.14 -15.47
N LEU A 1197 -0.78 -34.82 -14.68
CA LEU A 1197 -0.62 -34.11 -13.42
C LEU A 1197 -1.28 -34.81 -12.24
N HIS A 1198 -2.11 -35.83 -12.48
CA HIS A 1198 -2.92 -36.41 -11.42
C HIS A 1198 -2.06 -37.15 -10.39
N ASP A 1199 -1.04 -37.87 -10.85
CA ASP A 1199 -0.25 -38.67 -9.93
C ASP A 1199 0.54 -37.80 -8.94
N PHE A 1200 1.11 -36.70 -9.43
CA PHE A 1200 1.87 -35.81 -8.55
C PHE A 1200 0.95 -35.20 -7.48
N VAL A 1201 -0.24 -34.76 -7.88
CA VAL A 1201 -1.16 -34.17 -6.91
C VAL A 1201 -1.66 -35.23 -5.94
N MET A 1202 -1.91 -36.45 -6.41
CA MET A 1202 -2.31 -37.55 -5.54
C MET A 1202 -1.23 -37.94 -4.54
N SER A 1203 0.04 -37.81 -4.89
CA SER A 1203 1.13 -38.17 -4.01
C SER A 1203 1.49 -37.08 -3.01
N LEU A 1204 0.64 -36.08 -2.83
CA LEU A 1204 0.92 -35.01 -1.89
C LEU A 1204 -0.07 -35.04 -0.73
N PRO A 1205 0.34 -34.59 0.45
CA PRO A 1205 -0.64 -34.28 1.49
C PRO A 1205 -1.50 -33.11 1.06
N GLU A 1206 -2.75 -33.10 1.53
CA GLU A 1206 -3.73 -32.08 1.14
C GLU A 1206 -3.94 -32.08 -0.37
N LYS A 1207 -4.21 -33.25 -0.92
CA LYS A 1207 -4.32 -33.43 -2.37
C LYS A 1207 -5.36 -32.50 -2.97
N TYR A 1208 -5.00 -31.85 -4.07
CA TYR A 1208 -5.80 -30.85 -4.78
C TYR A 1208 -6.14 -29.64 -3.93
N GLU A 1209 -5.58 -29.53 -2.73
CA GLU A 1209 -5.80 -28.36 -1.89
C GLU A 1209 -4.49 -27.77 -1.38
N THR A 1210 -3.34 -28.18 -1.92
CA THR A 1210 -2.08 -27.57 -1.53
C THR A 1210 -2.00 -26.16 -2.07
N ASN A 1211 -1.60 -25.22 -1.21
CA ASN A 1211 -1.32 -23.87 -1.66
C ASN A 1211 -0.04 -23.87 -2.49
N VAL A 1212 -0.09 -23.20 -3.64
CA VAL A 1212 1.05 -23.18 -4.56
C VAL A 1212 2.00 -22.04 -4.30
N GLY A 1213 1.69 -21.15 -3.36
CA GLY A 1213 2.54 -20.02 -3.07
C GLY A 1213 2.33 -18.86 -4.01
N SER A 1214 3.11 -17.80 -3.78
CA SER A 1214 2.98 -16.60 -4.60
C SER A 1214 3.51 -16.86 -6.01
N GLN A 1215 2.67 -16.59 -7.00
CA GLN A 1215 3.00 -16.81 -8.41
C GLN A 1215 3.31 -18.28 -8.70
N GLY A 1216 2.81 -19.18 -7.86
CA GLY A 1216 3.12 -20.59 -8.01
C GLY A 1216 4.58 -20.92 -7.81
N SER A 1217 5.24 -20.25 -6.86
CA SER A 1217 6.66 -20.43 -6.63
C SER A 1217 6.97 -21.59 -5.69
N GLN A 1218 5.96 -22.18 -5.04
CA GLN A 1218 6.16 -23.35 -4.19
C GLN A 1218 5.98 -24.65 -4.95
N LEU A 1219 6.23 -24.62 -6.26
CA LEU A 1219 6.17 -25.78 -7.12
C LEU A 1219 7.37 -25.75 -8.05
N SER A 1220 7.62 -26.87 -8.71
CA SER A 1220 8.62 -26.87 -9.76
C SER A 1220 8.07 -26.19 -11.00
N ARG A 1221 8.97 -25.84 -11.92
CA ARG A 1221 8.55 -25.17 -13.14
C ARG A 1221 7.71 -26.09 -14.02
N GLY A 1222 8.10 -27.36 -14.11
CA GLY A 1222 7.34 -28.30 -14.92
C GLY A 1222 5.93 -28.53 -14.40
N GLU A 1223 5.79 -28.66 -13.08
CA GLU A 1223 4.47 -28.80 -12.48
C GLU A 1223 3.62 -27.55 -12.69
N LYS A 1224 4.21 -26.38 -12.60
CA LYS A 1224 3.48 -25.14 -12.87
C LYS A 1224 3.00 -25.10 -14.32
N GLN A 1225 3.87 -25.49 -15.26
CA GLN A 1225 3.48 -25.51 -16.66
C GLN A 1225 2.36 -26.52 -16.90
N ARG A 1226 2.42 -27.69 -16.25
CA ARG A 1226 1.35 -28.67 -16.43
C ARG A 1226 0.04 -28.20 -15.82
N ILE A 1227 0.11 -27.48 -14.69
CA ILE A 1227 -1.10 -26.87 -14.14
C ILE A 1227 -1.68 -25.84 -15.11
N ALA A 1228 -0.81 -25.06 -15.75
CA ALA A 1228 -1.29 -24.08 -16.73
C ALA A 1228 -1.93 -24.77 -17.94
N ILE A 1229 -1.33 -25.87 -18.40
CA ILE A 1229 -1.91 -26.62 -19.51
C ILE A 1229 -3.29 -27.16 -19.12
N ALA A 1230 -3.42 -27.71 -17.92
CA ALA A 1230 -4.71 -28.21 -17.47
C ALA A 1230 -5.72 -27.08 -17.35
N ARG A 1231 -5.28 -25.90 -16.90
CA ARG A 1231 -6.17 -24.75 -16.82
C ARG A 1231 -6.68 -24.33 -18.19
N ALA A 1232 -5.81 -24.32 -19.20
CA ALA A 1232 -6.25 -23.96 -20.55
C ALA A 1232 -7.17 -25.04 -21.12
N ILE A 1233 -6.86 -26.30 -20.89
CA ILE A 1233 -7.61 -27.40 -21.50
C ILE A 1233 -8.99 -27.53 -20.85
N VAL A 1234 -9.10 -27.24 -19.56
CA VAL A 1234 -10.34 -27.54 -18.83
C VAL A 1234 -11.51 -26.73 -19.36
N ARG A 1235 -11.25 -25.57 -19.96
CA ARG A 1235 -12.34 -24.73 -20.46
C ARG A 1235 -12.83 -25.17 -21.83
N ASP A 1236 -12.14 -26.08 -22.50
CA ASP A 1236 -12.52 -26.62 -23.80
C ASP A 1236 -12.74 -25.51 -24.82
N PRO A 1237 -11.70 -24.78 -25.21
CA PRO A 1237 -11.88 -23.63 -26.09
C PRO A 1237 -11.98 -24.02 -27.55
N LYS A 1238 -12.61 -23.15 -28.33
CA LYS A 1238 -12.68 -23.34 -29.78
C LYS A 1238 -11.33 -23.07 -30.43
N ILE A 1239 -10.57 -22.10 -29.89
CA ILE A 1239 -9.21 -21.81 -30.34
C ILE A 1239 -8.29 -22.03 -29.16
N LEU A 1240 -7.21 -22.78 -29.38
CA LEU A 1240 -6.24 -23.10 -28.34
C LEU A 1240 -4.89 -22.53 -28.75
N LEU A 1241 -4.35 -21.63 -27.93
CA LEU A 1241 -3.06 -21.01 -28.18
C LEU A 1241 -2.05 -21.55 -27.17
N LEU A 1242 -0.96 -22.12 -27.68
CA LEU A 1242 0.09 -22.67 -26.84
C LEU A 1242 1.40 -21.97 -27.18
N ASP A 1243 1.92 -21.19 -26.22
CA ASP A 1243 3.15 -20.44 -26.38
C ASP A 1243 4.25 -21.18 -25.64
N GLU A 1244 4.87 -22.14 -26.30
CA GLU A 1244 5.98 -22.92 -25.76
C GLU A 1244 5.58 -23.58 -24.43
N ALA A 1245 4.59 -24.48 -24.53
CA ALA A 1245 3.97 -25.10 -23.37
C ALA A 1245 4.76 -26.27 -22.81
N THR A 1246 5.91 -26.59 -23.41
CA THR A 1246 6.78 -27.65 -22.88
C THR A 1246 8.18 -27.16 -22.60
N SER A 1247 8.37 -25.85 -22.38
CA SER A 1247 9.72 -25.30 -22.25
C SER A 1247 10.42 -25.77 -20.98
N ALA A 1248 9.66 -26.14 -19.95
CA ALA A 1248 10.25 -26.55 -18.68
C ALA A 1248 10.24 -28.06 -18.47
N LEU A 1249 9.58 -28.83 -19.34
CA LEU A 1249 9.46 -30.25 -19.16
C LEU A 1249 10.70 -30.98 -19.68
N ASP A 1250 10.85 -32.23 -19.26
CA ASP A 1250 11.87 -33.12 -19.79
C ASP A 1250 11.27 -33.98 -20.90
N THR A 1251 12.15 -34.62 -21.67
CA THR A 1251 11.74 -35.29 -22.90
C THR A 1251 10.72 -36.39 -22.64
N GLU A 1252 10.97 -37.20 -21.60
CA GLU A 1252 10.07 -38.31 -21.30
C GLU A 1252 8.67 -37.82 -20.95
N SER A 1253 8.58 -36.77 -20.14
CA SER A 1253 7.27 -36.19 -19.86
C SER A 1253 6.75 -35.40 -21.05
N GLU A 1254 7.65 -34.85 -21.86
CA GLU A 1254 7.25 -34.09 -23.04
C GLU A 1254 6.50 -34.98 -24.02
N LYS A 1255 6.96 -36.21 -24.24
CA LYS A 1255 6.31 -37.09 -25.19
C LYS A 1255 4.89 -37.43 -24.74
N THR A 1256 4.71 -37.72 -23.45
CA THR A 1256 3.37 -38.03 -22.95
C THR A 1256 2.47 -36.82 -23.02
N VAL A 1257 2.98 -35.63 -22.69
CA VAL A 1257 2.18 -34.42 -22.78
C VAL A 1257 1.78 -34.14 -24.23
N GLN A 1258 2.71 -34.35 -25.17
CA GLN A 1258 2.39 -34.17 -26.59
C GLN A 1258 1.33 -35.16 -27.06
N VAL A 1259 1.44 -36.42 -26.64
CA VAL A 1259 0.44 -37.42 -27.00
C VAL A 1259 -0.93 -37.01 -26.48
N ALA A 1260 -0.98 -36.53 -25.24
CA ALA A 1260 -2.27 -36.09 -24.69
C ALA A 1260 -2.77 -34.83 -25.39
N LEU A 1261 -1.85 -33.95 -25.79
CA LEU A 1261 -2.24 -32.69 -26.43
C LEU A 1261 -2.76 -32.93 -27.84
N ASP A 1262 -2.34 -34.03 -28.49
CA ASP A 1262 -2.86 -34.32 -29.82
C ASP A 1262 -4.36 -34.48 -29.80
N LYS A 1263 -4.91 -35.14 -28.79
CA LYS A 1263 -6.36 -35.22 -28.65
C LYS A 1263 -6.95 -33.84 -28.34
N ALA A 1264 -6.21 -33.01 -27.60
CA ALA A 1264 -6.71 -31.68 -27.27
C ALA A 1264 -6.79 -30.79 -28.50
N ARG A 1265 -5.86 -30.98 -29.45
CA ARG A 1265 -5.81 -30.18 -30.66
C ARG A 1265 -6.30 -30.93 -31.89
N GLU A 1266 -7.21 -31.89 -31.71
CA GLU A 1266 -7.71 -32.69 -32.82
C GLU A 1266 -8.99 -32.16 -33.43
N GLY A 1267 -9.79 -31.42 -32.67
CA GLY A 1267 -11.05 -30.91 -33.20
C GLY A 1267 -11.23 -29.41 -33.08
N ARG A 1268 -10.12 -28.67 -33.08
CA ARG A 1268 -10.18 -27.22 -32.89
C ARG A 1268 -9.01 -26.56 -33.58
N THR A 1269 -9.16 -25.27 -33.85
CA THR A 1269 -8.07 -24.47 -34.39
C THR A 1269 -7.02 -24.22 -33.31
N CYS A 1270 -5.75 -24.39 -33.67
CA CYS A 1270 -4.67 -24.23 -32.72
C CYS A 1270 -3.50 -23.50 -33.35
N ILE A 1271 -2.82 -22.68 -32.56
CA ILE A 1271 -1.57 -22.03 -32.94
C ILE A 1271 -0.52 -22.43 -31.93
N VAL A 1272 0.59 -22.99 -32.41
CA VAL A 1272 1.64 -23.52 -31.56
C VAL A 1272 2.92 -22.76 -31.82
N ILE A 1273 3.54 -22.28 -30.75
CA ILE A 1273 4.86 -21.66 -30.80
C ILE A 1273 5.82 -22.57 -30.06
N ALA A 1274 6.92 -22.95 -30.71
CA ALA A 1274 7.82 -23.91 -30.12
C ALA A 1274 9.22 -23.74 -30.68
N HIS A 1275 10.21 -23.81 -29.79
CA HIS A 1275 11.60 -23.96 -30.20
C HIS A 1275 12.03 -25.42 -30.22
N ARG A 1276 11.20 -26.33 -29.70
CA ARG A 1276 11.42 -27.76 -29.83
C ARG A 1276 10.68 -28.23 -31.07
N LEU A 1277 11.43 -28.54 -32.12
CA LEU A 1277 10.83 -28.84 -33.41
C LEU A 1277 10.36 -30.29 -33.53
N SER A 1278 10.58 -31.10 -32.49
CA SER A 1278 10.08 -32.46 -32.46
C SER A 1278 8.61 -32.54 -32.07
N THR A 1279 8.01 -31.43 -31.63
CA THR A 1279 6.62 -31.39 -31.21
C THR A 1279 5.71 -30.69 -32.21
N ILE A 1280 6.22 -30.33 -33.39
CA ILE A 1280 5.45 -29.60 -34.39
C ILE A 1280 5.30 -30.36 -35.69
N GLN A 1281 5.96 -31.53 -35.83
CA GLN A 1281 5.91 -32.26 -37.09
C GLN A 1281 4.50 -32.68 -37.47
N ASN A 1282 3.58 -32.74 -36.51
CA ASN A 1282 2.21 -33.18 -36.74
C ASN A 1282 1.31 -32.03 -37.18
N ALA A 1283 1.80 -30.80 -37.13
CA ALA A 1283 1.03 -29.61 -37.44
C ALA A 1283 0.68 -29.56 -38.93
N ASP A 1284 -0.52 -29.08 -39.24
CA ASP A 1284 -0.95 -28.98 -40.62
C ASP A 1284 -0.14 -27.94 -41.39
N ILE A 1285 0.09 -26.78 -40.78
CA ILE A 1285 0.83 -25.69 -41.39
C ILE A 1285 1.97 -25.31 -40.48
N ILE A 1286 3.17 -25.14 -41.04
CA ILE A 1286 4.33 -24.65 -40.31
C ILE A 1286 4.79 -23.37 -41.01
N ALA A 1287 4.67 -22.24 -40.32
CA ALA A 1287 5.03 -20.94 -40.85
C ALA A 1287 6.28 -20.46 -40.14
N VAL A 1288 7.34 -20.18 -40.91
CA VAL A 1288 8.59 -19.70 -40.36
C VAL A 1288 8.56 -18.17 -40.37
N MET A 1289 8.74 -17.57 -39.20
CA MET A 1289 8.71 -16.13 -39.06
C MET A 1289 10.12 -15.56 -38.94
N ALA A 1290 10.34 -14.42 -39.58
CA ALA A 1290 11.64 -13.76 -39.53
C ALA A 1290 11.42 -12.26 -39.56
N GLN A 1291 11.74 -11.59 -38.45
CA GLN A 1291 11.60 -10.14 -38.32
C GLN A 1291 10.17 -9.69 -38.61
N GLY A 1292 9.20 -10.41 -38.05
CA GLY A 1292 7.81 -10.04 -38.19
C GLY A 1292 7.15 -10.44 -39.49
N VAL A 1293 7.86 -11.18 -40.36
CA VAL A 1293 7.33 -11.58 -41.66
C VAL A 1293 7.49 -13.08 -41.80
N VAL A 1294 6.48 -13.74 -42.38
CA VAL A 1294 6.54 -15.15 -42.70
C VAL A 1294 7.40 -15.31 -43.96
N ILE A 1295 8.38 -16.20 -43.90
CA ILE A 1295 9.22 -16.43 -45.08
C ILE A 1295 8.82 -17.71 -45.80
N GLU A 1296 8.53 -18.78 -45.06
CA GLU A 1296 8.07 -20.04 -45.65
C GLU A 1296 6.81 -20.51 -44.94
N LYS A 1297 6.01 -21.30 -45.66
CA LYS A 1297 4.75 -21.80 -45.15
C LYS A 1297 4.41 -23.11 -45.85
N GLY A 1298 4.17 -24.14 -45.05
CA GLY A 1298 3.83 -25.46 -45.59
C GLY A 1298 3.90 -26.51 -44.51
N THR A 1299 3.94 -27.77 -44.95
CA THR A 1299 4.04 -28.91 -44.05
C THR A 1299 5.50 -29.28 -43.84
N HIS A 1300 5.72 -30.28 -42.98
CA HIS A 1300 7.08 -30.67 -42.63
C HIS A 1300 7.83 -31.17 -43.86
N GLU A 1301 7.21 -32.05 -44.65
CA GLU A 1301 7.88 -32.62 -45.82
C GLU A 1301 8.20 -31.55 -46.85
N GLU A 1302 7.24 -30.67 -47.14
CA GLU A 1302 7.46 -29.62 -48.12
C GLU A 1302 8.58 -28.68 -47.70
N LEU A 1303 8.61 -28.31 -46.42
CA LEU A 1303 9.66 -27.41 -45.93
C LEU A 1303 11.02 -28.06 -45.84
N MET A 1304 11.09 -29.37 -45.59
CA MET A 1304 12.37 -30.06 -45.67
C MET A 1304 12.84 -30.23 -47.10
N ALA A 1305 11.92 -30.35 -48.05
CA ALA A 1305 12.32 -30.49 -49.46
C ALA A 1305 12.96 -29.20 -49.97
N GLN A 1306 12.51 -28.05 -49.48
CA GLN A 1306 13.01 -26.77 -49.98
C GLN A 1306 14.42 -26.46 -49.50
N LYS A 1307 14.91 -27.15 -48.47
CA LYS A 1307 16.22 -26.86 -47.87
C LYS A 1307 16.32 -25.40 -47.41
N GLY A 1308 15.20 -24.85 -46.92
CA GLY A 1308 15.13 -23.46 -46.52
C GLY A 1308 15.55 -23.23 -45.08
N ALA A 1309 15.04 -22.14 -44.51
CA ALA A 1309 15.39 -21.80 -43.13
C ALA A 1309 14.85 -22.83 -42.14
N TYR A 1310 13.69 -23.41 -42.43
CA TYR A 1310 13.15 -24.46 -41.57
C TYR A 1310 14.05 -25.69 -41.56
N TYR A 1311 14.56 -26.08 -42.73
CA TYR A 1311 15.50 -27.21 -42.80
C TYR A 1311 16.76 -26.92 -42.01
N LYS A 1312 17.29 -25.70 -42.11
CA LYS A 1312 18.47 -25.34 -41.33
C LYS A 1312 18.17 -25.36 -39.83
N LEU A 1313 16.99 -24.87 -39.44
CA LEU A 1313 16.61 -24.87 -38.04
C LEU A 1313 16.52 -26.29 -37.49
N VAL A 1314 15.96 -27.20 -38.27
CA VAL A 1314 15.89 -28.60 -37.83
C VAL A 1314 17.28 -29.22 -37.77
N THR A 1315 18.09 -28.97 -38.81
CA THR A 1315 19.38 -29.63 -38.91
C THR A 1315 20.34 -29.18 -37.81
N THR A 1316 20.38 -27.88 -37.52
CA THR A 1316 21.31 -27.38 -36.52
C THR A 1316 20.97 -27.87 -35.12
N GLY A 1317 19.75 -28.38 -34.93
CA GLY A 1317 19.34 -28.93 -33.65
C GLY A 1317 19.39 -30.44 -33.61
PG ATP B . 11.79 -29.05 -12.90
O1G ATP B . 12.51 -29.55 -14.09
O2G ATP B . 10.27 -29.07 -13.04
O3G ATP B . 12.24 -27.66 -12.46
PB ATP B . 12.96 -29.99 -10.30
O1B ATP B . 14.31 -29.46 -10.53
O2B ATP B . 12.90 -31.40 -9.73
O3B ATP B . 12.10 -29.98 -11.64
PA ATP B . 12.05 -28.71 -7.80
O1A ATP B . 13.31 -29.05 -7.11
O2A ATP B . 11.63 -27.26 -7.66
O3A ATP B . 12.11 -29.04 -9.35
O5' ATP B . 10.87 -29.61 -7.28
C5' ATP B . 11.07 -30.60 -6.24
C4' ATP B . 9.87 -30.62 -5.32
O4' ATP B . 9.99 -29.53 -4.36
C3' ATP B . 8.52 -30.45 -6.00
O3' ATP B . 7.57 -31.35 -5.45
C2' ATP B . 8.15 -28.99 -5.71
O2' ATP B . 6.74 -28.82 -5.62
C1' ATP B . 8.80 -28.79 -4.34
N9 ATP B . 9.14 -27.39 -4.05
C8 ATP B . 9.95 -26.58 -4.77
N7 ATP B . 10.08 -25.37 -4.28
C5 ATP B . 9.31 -25.40 -3.12
C6 ATP B . 9.03 -24.44 -2.14
N6 ATP B . 9.52 -23.20 -2.15
N1 ATP B . 8.20 -24.81 -1.13
C2 ATP B . 7.71 -26.04 -1.10
N3 ATP B . 7.91 -27.04 -1.98
C4 ATP B . 8.71 -26.65 -2.98
C1 CLR C . -2.23 48.55 23.76
C2 CLR C . -2.07 49.16 25.15
C3 CLR C . -3.25 50.05 25.47
C4 CLR C . -4.53 49.22 25.42
C5 CLR C . -4.71 48.54 24.09
C6 CLR C . -5.90 48.53 23.49
C7 CLR C . -6.20 47.90 22.17
C8 CLR C . -5.09 46.95 21.69
C9 CLR C . -3.72 47.52 22.03
C10 CLR C . -3.53 47.75 23.55
C11 CLR C . -2.59 46.70 21.40
C12 CLR C . -2.78 46.46 19.90
C13 CLR C . -4.13 45.79 19.61
C14 CLR C . -5.20 46.72 20.19
C15 CLR C . -6.52 46.20 19.63
C16 CLR C . -6.13 45.71 18.21
C17 CLR C . -4.58 45.73 18.12
C18 CLR C . -4.18 44.38 20.22
C19 CLR C . -3.45 46.41 24.31
C20 CLR C . -4.03 44.62 17.22
C21 CLR C . -2.62 44.88 16.73
C22 CLR C . -4.96 44.38 16.03
C23 CLR C . -4.38 43.52 14.91
C24 CLR C . -5.40 43.22 13.81
C25 CLR C . -4.91 42.24 12.74
C26 CLR C . -4.00 42.96 11.75
C27 CLR C . -4.18 41.04 13.34
O1 CLR C . -3.04 50.65 26.73
C1 CLR D . -31.28 36.32 23.85
C2 CLR D . -31.88 37.49 24.61
C3 CLR D . -32.27 38.62 23.66
C4 CLR D . -33.18 38.09 22.56
C5 CLR D . -32.63 36.85 21.88
C6 CLR D . -32.28 36.90 20.60
C7 CLR D . -31.78 35.72 19.83
C8 CLR D . -31.99 34.43 20.59
C9 CLR D . -31.49 34.59 22.04
C10 CLR D . -32.23 35.71 22.80
C11 CLR D . -31.49 33.24 22.77
C12 CLR D . -30.78 32.11 22.01
C13 CLR D . -31.33 31.93 20.61
C14 CLR D . -31.25 33.30 19.91
C15 CLR D . -31.57 32.98 18.45
C16 CLR D . -30.94 31.60 18.23
C17 CLR D . -30.47 31.09 19.62
C18 CLR D . -32.77 31.40 20.64
C19 CLR D . -33.50 35.19 23.50
C20 CLR D . -30.48 29.56 19.73
C21 CLR D . -29.41 29.02 20.68
C22 CLR D . -30.32 28.92 18.34
C23 CLR D . -30.58 27.43 18.27
C24 CLR D . -31.19 27.00 16.94
C25 CLR D . -31.53 25.51 16.84
C26 CLR D . -32.41 25.26 15.62
C27 CLR D . -30.29 24.63 16.79
O1 CLR D . -32.91 39.62 24.42
C1 CLR E . -5.88 37.65 38.09
C2 CLR E . -6.98 38.05 39.07
C3 CLR E . -6.58 39.26 39.88
C4 CLR E . -6.22 40.41 38.94
C5 CLR E . -5.15 40.01 37.95
C6 CLR E . -3.96 40.60 37.99
C7 CLR E . -2.85 40.33 37.03
C8 CLR E . -3.30 39.45 35.87
C9 CLR E . -4.15 38.29 36.39
C10 CLR E . -5.43 38.76 37.12
C11 CLR E . -4.43 37.25 35.29
C12 CLR E . -3.19 36.83 34.50
C13 CLR E . -2.44 38.02 33.92
C14 CLR E . -2.09 38.89 35.14
C15 CLR E . -1.03 39.86 34.64
C16 CLR E . -0.17 38.97 33.74
C17 CLR E . -1.05 37.77 33.29
C18 CLR E . -3.32 38.76 32.90
C19 CLR E . -6.57 39.09 36.15
C20 CLR E . -0.96 37.52 31.78
C21 CLR E . -0.95 36.02 31.43
C22 CLR E . 0.25 38.24 31.16
C23 CLR E . 0.86 37.61 29.91
C24 CLR E . 2.05 38.42 29.39
C25 CLR E . 2.85 37.76 28.26
C26 CLR E . 3.83 38.76 27.65
C27 CLR E . 3.60 36.52 28.74
O1 CLR E . -7.64 39.60 40.75
C1 CLR F . 11.35 8.69 27.75
C2 CLR F . 12.25 7.57 27.22
C3 CLR F . 11.77 7.03 25.89
C4 CLR F . 11.55 8.17 24.91
C5 CLR F . 10.64 9.23 25.47
C6 CLR F . 9.36 9.25 25.13
C7 CLR F . 8.38 10.25 25.65
C8 CLR F . 9.09 11.39 26.36
C9 CLR F . 10.11 10.84 27.37
C10 CLR F . 11.15 9.85 26.76
C11 CLR F . 10.76 12.00 28.12
C12 CLR F . 9.77 12.97 28.77
C13 CLR F . 8.74 13.50 27.76
C14 CLR F . 8.11 12.26 27.12
C15 CLR F . 6.86 12.78 26.40
C16 CLR F . 6.36 13.89 27.35
C17 CLR F . 7.48 14.19 28.37
C18 CLR F . 9.41 14.40 26.72
C19 CLR F . 12.48 10.54 26.48
C20 CLR F . 7.51 15.69 28.74
C21 CLR F . 8.54 16.07 29.80
C22 CLR F . 6.11 16.10 29.20
C23 CLR F . 6.04 17.33 30.11
C24 CLR F . 4.60 17.76 30.37
C25 CLR F . 4.43 18.80 31.49
C26 CLR F . 5.13 20.10 31.12
C27 CLR F . 2.97 19.04 31.83
O1 CLR F . 12.71 6.09 25.41
PB ADP G . 9.00 -13.85 -29.64
O1B ADP G . 7.88 -14.26 -28.77
O2B ADP G . 8.74 -14.02 -31.07
O3B ADP G . 10.28 -14.44 -29.23
PA ADP G . 8.35 -11.07 -28.93
O1A ADP G . 6.95 -11.18 -29.40
O2A ADP G . 8.58 -10.85 -27.49
O3A ADP G . 9.23 -12.31 -29.39
O5' ADP G . 9.14 -9.99 -29.80
C5' ADP G . 8.59 -8.68 -29.93
C4' ADP G . 9.72 -7.69 -29.91
O4' ADP G . 9.29 -6.54 -29.15
C3' ADP G . 10.99 -8.14 -29.21
O3' ADP G . 12.08 -7.35 -29.67
C2' ADP G . 10.68 -7.84 -27.75
O2' ADP G . 11.84 -7.58 -27.01
C1' ADP G . 9.85 -6.57 -27.85
N9 ADP G . 8.74 -6.49 -26.92
C8 ADP G . 7.98 -7.53 -26.45
N7 ADP G . 7.02 -7.15 -25.65
C5 ADP G . 7.17 -5.78 -25.57
C6 ADP G . 6.46 -4.78 -24.87
N6 ADP G . 5.42 -5.06 -24.08
N1 ADP G . 6.86 -3.51 -25.01
C2 ADP G . 7.91 -3.25 -25.81
N3 ADP G . 8.64 -4.09 -26.52
C4 ADP G . 8.22 -5.36 -26.36
V VO4 H . 11.01 -16.16 -27.59
O1 VO4 H . 9.50 -15.97 -26.48
O2 VO4 H . 12.05 -14.60 -27.76
O3 VO4 H . 12.05 -17.53 -26.76
O4 VO4 H . 10.69 -16.83 -29.33
MG MG I . 7.54 -14.94 -26.58
MG MG J . 13.57 -26.41 -11.74
#